data_6S5A
#
_entry.id   6S5A
#
_cell.length_a   71.022
_cell.length_b   135.545
_cell.length_c   137.259
_cell.angle_alpha   90.000
_cell.angle_beta   90.000
_cell.angle_gamma   90.000
#
_symmetry.space_group_name_H-M   'P 21 21 21'
#
loop_
_entity.id
_entity.type
_entity.pdbx_description
1 polymer 'Fc P329G LALA'
2 polymer 'anti P329G LALA Fab heavy chain'
3 polymer 'anti P329G LALA Fab light chain'
4 branched 2-acetamido-2-deoxy-beta-D-glucopyranose-(1-2)-alpha-D-mannopyranose-(1-6)-beta-D-mannopyranose-(1-4)-2-acetamido-2-deoxy-beta-D-glucopyranose-(1-4)-[alpha-L-fucopyranose-(1-6)]2-acetamido-2-deoxy-beta-D-glucopyranose
5 branched 2-acetamido-2-deoxy-beta-D-glucopyranose-(1-2)-alpha-D-mannopyranose-(1-6)-[alpha-D-mannopyranose-(1-3)]beta-D-mannopyranose-(1-4)-2-acetamido-2-deoxy-beta-D-glucopyranose-(1-4)-[alpha-L-fucopyranose-(1-6)]2-acetamido-2-deoxy-beta-D-glucopyranose
6 non-polymer 'PHOSPHATE ION'
7 non-polymer GLYCEROL
8 water water
#
loop_
_entity_poly.entity_id
_entity_poly.type
_entity_poly.pdbx_seq_one_letter_code
_entity_poly.pdbx_strand_id
1 'polypeptide(L)'
;THTCPPCPAPEAAGGPSVFLFPPKPKDTLMISRTPEVTCVVVDVSHEDPEVKFNWYVDGVEVHNAKTKPREEQYNSTYRV
VSVLTVLHQDWLNGKEYKCKVSNKALGAPIEKTISKAKGQPREPQVYTLPPSRDELTKNQVSLTCLVKGFYPSDIAVEWE
SNGQPENNYKTTPPVLDSDGSFFLYSKLTVDKSRWQQGNVFSCSVMHEALHNHYTQKSLSLSPGK
;
A,D
2 'polypeptide(L)'
;EVKLLESGGGLVQPGGSLKLSCAASGFDFSRYWMNWVRQAPGKGLEWIGEITPDSSTINYTPSLKDKFIISRDNAKNTLY
LQMIKVRSEDTALYYCVRPYDYGAWFASWGQGTLVTVSAASTKGPSVFPLAPSSKSTSGGTAALGCLVKDYFPEPVTVSW
NSGALTSGVHTFPAVLQSSGLYSLSSVVTVPSSSLGTQTYICNVNHKPSNTKVDKKVEPKSCDKKKKKKKGLNDIFEAQK
IEWHEHHHHHH
;
H
3 'polypeptide(L)'
;QAVVTQESALTTSPGETVTLTCRSSTGAVTTSNYANWVQEKPDHLFTGLIGGTNKRAPGVPARFSGSLIGDKAALTITGA
QTEDEAIYFCALWYSNHWVFGGGTKLTVLGQPKAAPSVTLFPPSSEELQANKATLVCLISDFYPGAVTVAWKADSSPVKA
GVETTTPSKQSNNKYAASSYLSLTPEQWKSHRSYSCQVTHEGSTVEKTVAPTECS
;
L
#
loop_
_chem_comp.id
_chem_comp.type
_chem_comp.name
_chem_comp.formula
BMA D-saccharide, beta linking beta-D-mannopyranose 'C6 H12 O6'
FUC L-saccharide, alpha linking alpha-L-fucopyranose 'C6 H12 O5'
GOL non-polymer GLYCEROL 'C3 H8 O3'
MAN D-saccharide, alpha linking alpha-D-mannopyranose 'C6 H12 O6'
NAG D-saccharide, beta linking 2-acetamido-2-deoxy-beta-D-glucopyranose 'C8 H15 N O6'
PO4 non-polymer 'PHOSPHATE ION' 'O4 P -3'
#
# COMPACT_ATOMS: atom_id res chain seq x y z
N ALA A 9 13.48 -14.43 4.46
CA ALA A 9 12.66 -13.46 5.19
C ALA A 9 11.81 -12.66 4.18
N PRO A 10 10.45 -12.72 4.28
CA PRO A 10 9.62 -12.02 3.28
C PRO A 10 9.52 -10.51 3.49
N GLU A 11 9.18 -9.80 2.40
CA GLU A 11 8.99 -8.35 2.40
C GLU A 11 7.66 -8.01 3.09
N ALA A 12 7.62 -6.87 3.79
CA ALA A 12 6.39 -6.38 4.42
C ALA A 12 5.50 -5.82 3.29
N ALA A 13 4.22 -5.54 3.62
CA ALA A 13 3.26 -5.01 2.65
C ALA A 13 3.69 -3.61 2.11
N GLY A 14 3.02 -3.16 1.06
CA GLY A 14 3.22 -1.84 0.47
C GLY A 14 4.57 -1.52 -0.13
N GLY A 15 5.30 -2.54 -0.56
CA GLY A 15 6.60 -2.39 -1.19
C GLY A 15 6.53 -2.58 -2.69
N PRO A 16 7.65 -2.41 -3.43
CA PRO A 16 7.61 -2.61 -4.89
C PRO A 16 7.28 -4.05 -5.30
N SER A 17 6.71 -4.21 -6.51
CA SER A 17 6.34 -5.50 -7.09
C SER A 17 7.03 -5.70 -8.46
N VAL A 18 7.68 -6.85 -8.65
CA VAL A 18 8.42 -7.18 -9.87
C VAL A 18 7.68 -8.19 -10.76
N PHE A 19 7.58 -7.89 -12.06
CA PHE A 19 6.94 -8.75 -13.07
C PHE A 19 7.92 -8.96 -14.22
N LEU A 20 8.28 -10.22 -14.49
CA LEU A 20 9.24 -10.56 -15.55
C LEU A 20 8.52 -11.19 -16.73
N PHE A 21 8.72 -10.60 -17.92
CA PHE A 21 8.03 -10.98 -19.15
C PHE A 21 8.92 -11.65 -20.21
N PRO A 22 8.41 -12.69 -20.90
CA PRO A 22 9.24 -13.38 -21.90
C PRO A 22 9.29 -12.61 -23.22
N PRO A 23 10.21 -12.95 -24.18
CA PRO A 23 10.18 -12.26 -25.48
C PRO A 23 8.98 -12.68 -26.32
N LYS A 24 8.70 -11.94 -27.41
CA LYS A 24 7.60 -12.26 -28.31
C LYS A 24 7.93 -13.51 -29.13
N PRO A 25 6.97 -14.45 -29.33
CA PRO A 25 7.27 -15.66 -30.13
C PRO A 25 7.91 -15.37 -31.48
N LYS A 26 7.42 -14.34 -32.20
CA LYS A 26 7.91 -13.92 -33.51
C LYS A 26 9.38 -13.46 -33.47
N ASP A 27 9.76 -12.64 -32.46
CA ASP A 27 11.12 -12.09 -32.31
C ASP A 27 12.20 -13.16 -32.13
N THR A 28 11.88 -14.27 -31.44
CA THR A 28 12.81 -15.38 -31.22
C THR A 28 12.96 -16.28 -32.45
N LEU A 29 11.97 -16.26 -33.38
CA LEU A 29 11.96 -17.16 -34.54
C LEU A 29 12.38 -16.52 -35.87
N MET A 30 12.93 -15.31 -35.81
CA MET A 30 13.40 -14.57 -36.98
C MET A 30 14.71 -13.92 -36.57
N ILE A 31 15.84 -14.33 -37.22
CA ILE A 31 17.19 -13.84 -36.91
C ILE A 31 17.31 -12.31 -37.08
N SER A 32 16.53 -11.73 -38.02
CA SER A 32 16.47 -10.30 -38.30
C SER A 32 15.92 -9.52 -37.08
N ARG A 33 14.86 -10.05 -36.44
CA ARG A 33 14.22 -9.46 -35.26
C ARG A 33 15.08 -9.60 -34.00
N THR A 34 14.87 -8.69 -33.02
CA THR A 34 15.63 -8.66 -31.77
C THR A 34 14.74 -9.05 -30.56
N PRO A 35 14.90 -10.28 -30.01
CA PRO A 35 14.08 -10.68 -28.86
C PRO A 35 14.62 -10.13 -27.53
N GLU A 36 13.71 -9.63 -26.68
CA GLU A 36 14.11 -9.06 -25.39
C GLU A 36 13.23 -9.49 -24.24
N VAL A 37 13.86 -9.69 -23.07
CA VAL A 37 13.19 -10.05 -21.82
C VAL A 37 12.98 -8.73 -21.04
N THR A 38 11.77 -8.55 -20.46
CA THR A 38 11.40 -7.31 -19.77
C THR A 38 11.09 -7.48 -18.26
N CYS A 39 11.81 -6.69 -17.44
CA CYS A 39 11.67 -6.64 -15.99
C CYS A 39 10.94 -5.34 -15.65
N VAL A 40 9.69 -5.45 -15.17
CA VAL A 40 8.86 -4.31 -14.82
C VAL A 40 8.72 -4.22 -13.30
N VAL A 41 9.08 -3.06 -12.73
CA VAL A 41 8.96 -2.78 -11.29
C VAL A 41 7.80 -1.78 -11.10
N VAL A 42 6.80 -2.15 -10.29
CA VAL A 42 5.66 -1.29 -9.98
C VAL A 42 5.66 -0.93 -8.50
N ASP A 43 4.82 0.04 -8.10
CA ASP A 43 4.68 0.55 -6.73
C ASP A 43 5.99 1.13 -6.19
N VAL A 44 6.72 1.85 -7.06
CA VAL A 44 7.97 2.53 -6.69
C VAL A 44 7.55 3.89 -6.13
N SER A 45 7.85 4.14 -4.85
CA SER A 45 7.51 5.38 -4.16
C SER A 45 8.40 6.55 -4.63
N HIS A 46 7.92 7.80 -4.41
CA HIS A 46 8.63 9.03 -4.76
C HIS A 46 9.77 9.28 -3.76
N GLU A 47 9.56 8.85 -2.50
CA GLU A 47 10.50 8.97 -1.38
C GLU A 47 11.76 8.12 -1.63
N ASP A 48 11.58 6.95 -2.29
CA ASP A 48 12.66 6.02 -2.66
C ASP A 48 12.47 5.70 -4.17
N PRO A 49 12.89 6.60 -5.10
CA PRO A 49 12.65 6.34 -6.53
C PRO A 49 13.73 5.55 -7.27
N GLU A 50 14.96 5.49 -6.72
CA GLU A 50 16.09 4.79 -7.35
C GLU A 50 15.96 3.26 -7.31
N VAL A 51 15.97 2.64 -8.50
CA VAL A 51 15.89 1.20 -8.68
C VAL A 51 17.17 0.73 -9.41
N LYS A 52 17.89 -0.22 -8.78
CA LYS A 52 19.11 -0.83 -9.31
C LYS A 52 18.76 -2.20 -9.91
N PHE A 53 19.28 -2.52 -11.10
CA PHE A 53 19.02 -3.78 -11.78
C PHE A 53 20.27 -4.61 -11.97
N ASN A 54 20.16 -5.92 -11.69
CA ASN A 54 21.23 -6.91 -11.88
C ASN A 54 20.64 -8.08 -12.67
N TRP A 55 21.23 -8.39 -13.84
CA TRP A 55 20.74 -9.46 -14.71
C TRP A 55 21.68 -10.64 -14.76
N TYR A 56 21.13 -11.86 -14.81
CA TYR A 56 21.91 -13.11 -14.85
C TYR A 56 21.36 -14.09 -15.87
N VAL A 57 22.23 -14.60 -16.76
CA VAL A 57 21.90 -15.61 -17.77
C VAL A 57 22.58 -16.90 -17.28
N ASP A 58 21.75 -17.85 -16.75
CA ASP A 58 22.17 -19.13 -16.15
C ASP A 58 23.16 -18.92 -14.97
N GLY A 59 22.92 -17.86 -14.18
CA GLY A 59 23.73 -17.50 -13.04
C GLY A 59 24.87 -16.53 -13.32
N VAL A 60 25.24 -16.36 -14.60
CA VAL A 60 26.32 -15.47 -15.05
C VAL A 60 25.78 -14.05 -15.28
N GLU A 61 26.31 -13.07 -14.54
CA GLU A 61 25.89 -11.67 -14.61
C GLU A 61 26.26 -11.01 -15.94
N VAL A 62 25.31 -10.24 -16.51
CA VAL A 62 25.44 -9.50 -17.78
C VAL A 62 25.28 -7.98 -17.56
N HIS A 63 25.65 -7.15 -18.56
CA HIS A 63 25.61 -5.68 -18.47
C HIS A 63 24.94 -4.93 -19.65
N ASN A 64 24.55 -5.66 -20.72
CA ASN A 64 23.95 -5.07 -21.93
C ASN A 64 22.52 -4.50 -21.76
N ALA A 65 21.85 -4.80 -20.62
CA ALA A 65 20.47 -4.34 -20.35
C ALA A 65 20.36 -2.82 -20.22
N LYS A 66 19.27 -2.27 -20.79
CA LYS A 66 18.96 -0.84 -20.76
C LYS A 66 17.80 -0.57 -19.80
N THR A 67 17.93 0.47 -18.96
CA THR A 67 16.88 0.88 -18.04
C THR A 67 16.12 2.06 -18.64
N LYS A 68 14.85 1.81 -19.02
CA LYS A 68 13.95 2.79 -19.65
C LYS A 68 13.65 3.98 -18.71
N PRO A 69 13.27 5.19 -19.23
CA PRO A 69 12.96 6.31 -18.32
C PRO A 69 11.71 6.01 -17.46
N ARG A 70 11.78 6.30 -16.13
CA ARG A 70 10.69 5.99 -15.21
C ARG A 70 9.39 6.76 -15.53
N GLU A 71 8.32 5.99 -15.80
CA GLU A 71 7.00 6.48 -16.17
C GLU A 71 6.17 6.87 -14.94
N GLU A 72 5.62 8.09 -14.94
CA GLU A 72 4.76 8.59 -13.87
C GLU A 72 3.37 7.97 -14.01
N GLN A 73 2.86 7.36 -12.94
CA GLN A 73 1.54 6.71 -12.94
C GLN A 73 0.48 7.60 -12.31
N TYR A 74 -0.80 7.38 -12.70
CA TYR A 74 -1.96 8.12 -12.19
C TYR A 74 -2.18 7.92 -10.69
N ASN A 75 -1.80 6.73 -10.17
CA ASN A 75 -1.93 6.35 -8.75
C ASN A 75 -0.75 6.87 -7.88
N SER A 76 -0.01 7.87 -8.39
CA SER A 76 1.11 8.57 -7.74
C SER A 76 2.30 7.65 -7.36
N THR A 77 2.65 6.69 -8.26
CA THR A 77 3.81 5.79 -8.10
C THR A 77 4.62 5.77 -9.41
N TYR A 78 5.83 5.18 -9.38
CA TYR A 78 6.68 5.08 -10.55
C TYR A 78 6.72 3.65 -11.10
N ARG A 79 6.80 3.52 -12.43
CA ARG A 79 6.96 2.24 -13.13
C ARG A 79 8.35 2.28 -13.76
N VAL A 80 9.23 1.39 -13.30
CA VAL A 80 10.63 1.30 -13.78
C VAL A 80 10.76 0.01 -14.60
N VAL A 81 11.28 0.13 -15.83
CA VAL A 81 11.40 -0.99 -16.78
C VAL A 81 12.87 -1.22 -17.22
N SER A 82 13.34 -2.48 -17.13
CA SER A 82 14.65 -2.88 -17.61
C SER A 82 14.49 -3.85 -18.79
N VAL A 83 15.13 -3.54 -19.91
CA VAL A 83 15.03 -4.29 -21.17
C VAL A 83 16.34 -5.00 -21.50
N LEU A 84 16.36 -6.34 -21.46
CA LEU A 84 17.54 -7.13 -21.77
C LEU A 84 17.39 -7.86 -23.12
N THR A 85 18.24 -7.51 -24.10
CA THR A 85 18.30 -8.15 -25.42
C THR A 85 18.85 -9.57 -25.22
N VAL A 86 18.13 -10.58 -25.73
CA VAL A 86 18.52 -11.98 -25.59
C VAL A 86 18.94 -12.59 -26.93
N LEU A 87 19.80 -13.63 -26.87
CA LEU A 87 20.25 -14.37 -28.05
C LEU A 87 19.13 -15.38 -28.36
N HIS A 88 18.71 -15.44 -29.65
CA HIS A 88 17.64 -16.33 -30.13
C HIS A 88 17.80 -17.76 -29.60
N GLN A 89 18.98 -18.38 -29.87
CA GLN A 89 19.27 -19.74 -29.46
C GLN A 89 19.30 -19.91 -27.95
N ASP A 90 19.82 -18.90 -27.21
CA ASP A 90 19.86 -18.92 -25.74
C ASP A 90 18.46 -19.09 -25.13
N TRP A 91 17.46 -18.33 -25.65
CA TRP A 91 16.08 -18.42 -25.17
C TRP A 91 15.47 -19.78 -25.52
N LEU A 92 15.67 -20.25 -26.77
CA LEU A 92 15.13 -21.53 -27.24
C LEU A 92 15.75 -22.76 -26.56
N ASN A 93 17.06 -22.72 -26.23
CA ASN A 93 17.77 -23.81 -25.54
C ASN A 93 17.37 -23.98 -24.06
N GLY A 94 16.57 -23.05 -23.54
CA GLY A 94 16.05 -23.09 -22.18
C GLY A 94 16.86 -22.39 -21.10
N LYS A 95 17.71 -21.41 -21.49
CA LYS A 95 18.53 -20.64 -20.55
C LYS A 95 17.65 -19.80 -19.63
N GLU A 96 17.97 -19.81 -18.32
CA GLU A 96 17.25 -19.08 -17.27
C GLU A 96 17.75 -17.64 -17.17
N TYR A 97 16.80 -16.70 -17.23
CA TYR A 97 17.05 -15.25 -17.15
C TYR A 97 16.56 -14.70 -15.84
N LYS A 98 17.49 -14.30 -14.96
CA LYS A 98 17.18 -13.77 -13.65
C LYS A 98 17.35 -12.25 -13.60
N CYS A 99 16.32 -11.57 -13.09
CA CYS A 99 16.30 -10.13 -12.90
C CYS A 99 16.29 -9.88 -11.37
N LYS A 100 17.29 -9.15 -10.87
CA LYS A 100 17.45 -8.79 -9.45
C LYS A 100 17.14 -7.29 -9.30
N VAL A 101 16.15 -6.97 -8.45
CA VAL A 101 15.70 -5.59 -8.23
C VAL A 101 16.07 -5.08 -6.83
N SER A 102 16.88 -4.01 -6.77
CA SER A 102 17.33 -3.36 -5.53
C SER A 102 16.73 -1.94 -5.44
N ASN A 103 16.14 -1.62 -4.28
CA ASN A 103 15.47 -0.32 -4.02
C ASN A 103 15.51 -0.02 -2.51
N LYS A 104 15.65 1.27 -2.14
CA LYS A 104 15.73 1.75 -0.74
C LYS A 104 14.51 1.37 0.13
N ALA A 105 13.33 1.19 -0.49
CA ALA A 105 12.10 0.81 0.22
C ALA A 105 12.05 -0.69 0.58
N LEU A 106 12.95 -1.50 -0.03
CA LEU A 106 13.04 -2.94 0.16
C LEU A 106 14.01 -3.35 1.27
N GLY A 107 13.60 -4.32 2.09
CA GLY A 107 14.42 -4.87 3.16
C GLY A 107 15.47 -5.82 2.63
N ALA A 108 15.18 -6.46 1.47
CA ALA A 108 16.02 -7.39 0.73
C ALA A 108 15.64 -7.38 -0.76
N PRO A 109 16.58 -7.58 -1.72
CA PRO A 109 16.21 -7.55 -3.15
C PRO A 109 15.25 -8.64 -3.59
N ILE A 110 14.40 -8.33 -4.58
CA ILE A 110 13.44 -9.26 -5.18
C ILE A 110 14.12 -9.88 -6.42
N GLU A 111 14.00 -11.20 -6.57
CA GLU A 111 14.58 -11.93 -7.70
C GLU A 111 13.51 -12.72 -8.45
N LYS A 112 13.41 -12.49 -9.76
CA LYS A 112 12.48 -13.18 -10.66
C LYS A 112 13.29 -13.89 -11.73
N THR A 113 12.95 -15.14 -12.04
CA THR A 113 13.64 -15.95 -13.03
C THR A 113 12.66 -16.39 -14.12
N ILE A 114 13.01 -16.17 -15.39
CA ILE A 114 12.19 -16.55 -16.53
C ILE A 114 12.96 -17.49 -17.47
N SER A 115 12.26 -18.51 -17.97
CA SER A 115 12.77 -19.48 -18.93
C SER A 115 11.65 -19.89 -19.85
N LYS A 116 12.01 -20.36 -21.06
CA LYS A 116 11.09 -20.90 -22.04
C LYS A 116 10.36 -22.08 -21.37
N ALA A 117 9.05 -22.22 -21.60
CA ALA A 117 8.25 -23.28 -20.98
C ALA A 117 8.92 -24.64 -21.17
N LYS A 118 9.23 -25.30 -20.04
CA LYS A 118 9.89 -26.61 -20.03
C LYS A 118 8.92 -27.64 -20.57
N GLY A 119 9.47 -28.63 -21.27
CA GLY A 119 8.67 -29.69 -21.86
C GLY A 119 9.06 -29.90 -23.30
N GLN A 120 8.86 -31.13 -23.77
CA GLN A 120 9.16 -31.56 -25.13
C GLN A 120 8.41 -30.66 -26.13
N PRO A 121 9.13 -29.90 -27.00
CA PRO A 121 8.42 -29.08 -27.98
C PRO A 121 7.65 -30.00 -28.91
N ARG A 122 6.46 -29.55 -29.32
CA ARG A 122 5.54 -30.31 -30.15
C ARG A 122 5.17 -29.45 -31.35
N GLU A 123 5.25 -30.07 -32.55
CA GLU A 123 4.99 -29.43 -33.82
C GLU A 123 3.51 -29.10 -34.03
N PRO A 124 3.17 -27.83 -34.33
CA PRO A 124 1.76 -27.53 -34.64
C PRO A 124 1.29 -28.14 -35.97
N GLN A 125 0.01 -28.54 -36.00
CA GLN A 125 -0.64 -29.05 -37.20
CA GLN A 125 -0.69 -29.08 -37.18
C GLN A 125 -1.55 -27.89 -37.60
N VAL A 126 -1.40 -27.43 -38.84
CA VAL A 126 -2.15 -26.26 -39.35
C VAL A 126 -3.14 -26.68 -40.41
N TYR A 127 -4.42 -26.37 -40.18
CA TYR A 127 -5.50 -26.75 -41.06
C TYR A 127 -6.36 -25.52 -41.40
N THR A 128 -6.68 -25.31 -42.68
CA THR A 128 -7.54 -24.21 -43.13
C THR A 128 -8.89 -24.80 -43.49
N LEU A 129 -9.95 -24.20 -42.96
CA LEU A 129 -11.30 -24.66 -43.14
C LEU A 129 -12.08 -23.59 -43.92
N PRO A 130 -12.78 -23.99 -44.99
CA PRO A 130 -13.57 -23.00 -45.74
C PRO A 130 -14.85 -22.62 -44.95
N PRO A 131 -15.65 -21.64 -45.42
CA PRO A 131 -16.87 -21.30 -44.69
C PRO A 131 -17.88 -22.44 -44.67
N SER A 132 -18.69 -22.51 -43.61
CA SER A 132 -19.80 -23.46 -43.54
C SER A 132 -20.76 -23.09 -44.69
N ARG A 133 -21.40 -24.10 -45.32
CA ARG A 133 -22.39 -23.87 -46.39
C ARG A 133 -23.45 -22.83 -45.94
N ASP A 134 -23.91 -22.94 -44.67
CA ASP A 134 -24.91 -22.04 -44.10
C ASP A 134 -24.46 -20.59 -44.04
N GLU A 135 -23.15 -20.36 -43.92
CA GLU A 135 -22.63 -19.00 -43.89
C GLU A 135 -22.60 -18.33 -45.28
N LEU A 136 -22.66 -19.13 -46.35
CA LEU A 136 -22.62 -18.61 -47.73
C LEU A 136 -23.87 -17.78 -48.10
N THR A 137 -24.87 -17.71 -47.21
CA THR A 137 -26.06 -16.87 -47.40
C THR A 137 -25.78 -15.44 -46.89
N LYS A 138 -24.64 -15.21 -46.18
CA LYS A 138 -24.28 -13.91 -45.61
C LYS A 138 -23.43 -13.06 -46.57
N ASN A 139 -23.28 -11.74 -46.27
CA ASN A 139 -22.47 -10.78 -47.02
C ASN A 139 -20.97 -10.99 -46.73
N GLN A 140 -20.64 -11.51 -45.53
CA GLN A 140 -19.28 -11.78 -45.12
C GLN A 140 -19.16 -13.23 -44.70
N VAL A 141 -18.04 -13.85 -45.05
CA VAL A 141 -17.77 -15.26 -44.74
C VAL A 141 -16.52 -15.39 -43.87
N SER A 142 -16.40 -16.51 -43.16
CA SER A 142 -15.30 -16.77 -42.24
C SER A 142 -14.44 -17.89 -42.76
N LEU A 143 -13.15 -17.62 -42.84
CA LEU A 143 -12.14 -18.60 -43.20
C LEU A 143 -11.42 -18.91 -41.90
N THR A 144 -11.38 -20.20 -41.56
CA THR A 144 -10.84 -20.64 -40.28
C THR A 144 -9.50 -21.31 -40.37
N CYS A 145 -8.58 -20.93 -39.49
CA CYS A 145 -7.29 -21.58 -39.39
C CYS A 145 -7.22 -22.26 -38.03
N LEU A 146 -7.19 -23.60 -38.04
CA LEU A 146 -7.05 -24.42 -36.84
C LEU A 146 -5.56 -24.75 -36.67
N VAL A 147 -4.98 -24.35 -35.54
CA VAL A 147 -3.57 -24.63 -35.23
C VAL A 147 -3.59 -25.49 -33.96
N LYS A 148 -3.16 -26.74 -34.04
CA LYS A 148 -3.24 -27.63 -32.87
C LYS A 148 -2.02 -28.50 -32.64
N GLY A 149 -1.98 -29.11 -31.45
CA GLY A 149 -0.95 -30.05 -31.03
C GLY A 149 0.40 -29.43 -30.79
N PHE A 150 0.44 -28.12 -30.50
CA PHE A 150 1.70 -27.43 -30.30
C PHE A 150 2.10 -27.22 -28.84
N TYR A 151 3.43 -27.18 -28.62
CA TYR A 151 4.05 -26.95 -27.32
C TYR A 151 5.44 -26.33 -27.53
N PRO A 152 5.78 -25.21 -26.83
CA PRO A 152 4.96 -24.46 -25.85
C PRO A 152 3.83 -23.67 -26.53
N SER A 153 3.00 -22.99 -25.72
CA SER A 153 1.88 -22.18 -26.22
C SER A 153 2.32 -20.95 -27.07
N ASP A 154 3.61 -20.53 -26.98
CA ASP A 154 4.20 -19.39 -27.72
C ASP A 154 4.15 -19.68 -29.21
N ILE A 155 3.33 -18.91 -29.91
CA ILE A 155 3.11 -19.07 -31.35
C ILE A 155 2.74 -17.70 -31.97
N ALA A 156 3.00 -17.54 -33.27
CA ALA A 156 2.57 -16.34 -34.03
C ALA A 156 1.71 -16.84 -35.18
N VAL A 157 0.57 -16.21 -35.41
CA VAL A 157 -0.35 -16.62 -36.46
C VAL A 157 -0.82 -15.40 -37.24
N GLU A 158 -0.84 -15.48 -38.56
CA GLU A 158 -1.30 -14.35 -39.38
C GLU A 158 -2.13 -14.84 -40.55
N TRP A 159 -3.21 -14.11 -40.89
CA TRP A 159 -3.97 -14.35 -42.10
C TRP A 159 -3.52 -13.26 -43.09
N GLU A 160 -3.21 -13.67 -44.30
CA GLU A 160 -2.71 -12.74 -45.32
C GLU A 160 -3.18 -13.10 -46.74
N SER A 161 -3.07 -12.13 -47.65
CA SER A 161 -3.38 -12.35 -49.07
C SER A 161 -2.53 -11.36 -49.84
N ASN A 162 -1.92 -11.77 -50.98
CA ASN A 162 -1.13 -10.87 -51.82
C ASN A 162 -0.03 -10.08 -51.08
N GLY A 163 0.55 -10.72 -50.06
CA GLY A 163 1.62 -10.14 -49.25
C GLY A 163 1.17 -9.05 -48.30
N GLN A 164 -0.12 -8.98 -48.03
CA GLN A 164 -0.71 -8.00 -47.12
C GLN A 164 -1.29 -8.80 -45.94
N PRO A 165 -1.08 -8.41 -44.67
CA PRO A 165 -1.88 -9.04 -43.59
C PRO A 165 -3.34 -8.60 -43.85
N GLU A 166 -4.31 -9.48 -43.66
CA GLU A 166 -5.74 -9.16 -43.89
C GLU A 166 -6.20 -8.14 -42.86
N ASN A 167 -7.10 -7.23 -43.27
CA ASN A 167 -7.60 -6.15 -42.42
C ASN A 167 -8.51 -6.63 -41.30
N ASN A 168 -9.18 -7.78 -41.48
CA ASN A 168 -10.20 -8.21 -40.54
C ASN A 168 -10.06 -9.67 -40.09
N TYR A 169 -9.10 -9.92 -39.21
CA TYR A 169 -8.96 -11.26 -38.63
C TYR A 169 -8.66 -11.15 -37.15
N LYS A 170 -9.03 -12.19 -36.40
CA LYS A 170 -8.86 -12.30 -34.95
C LYS A 170 -8.48 -13.72 -34.61
N THR A 171 -7.55 -13.87 -33.68
CA THR A 171 -7.06 -15.17 -33.23
C THR A 171 -7.41 -15.36 -31.78
N THR A 172 -7.87 -16.57 -31.44
CA THR A 172 -8.20 -16.88 -30.07
C THR A 172 -6.88 -17.04 -29.29
N PRO A 173 -6.90 -16.91 -27.95
CA PRO A 173 -5.69 -17.25 -27.19
C PRO A 173 -5.46 -18.77 -27.31
N PRO A 174 -4.23 -19.27 -27.01
CA PRO A 174 -4.02 -20.74 -26.99
C PRO A 174 -4.88 -21.36 -25.88
N VAL A 175 -5.40 -22.57 -26.12
CA VAL A 175 -6.25 -23.29 -25.18
C VAL A 175 -5.54 -24.62 -24.87
N LEU A 176 -5.39 -24.95 -23.58
CA LEU A 176 -4.76 -26.21 -23.20
C LEU A 176 -5.65 -27.38 -23.61
N ASP A 177 -5.15 -28.26 -24.46
CA ASP A 177 -5.90 -29.44 -24.91
C ASP A 177 -5.78 -30.62 -23.90
N SER A 178 -6.59 -31.68 -24.08
CA SER A 178 -6.60 -32.84 -23.15
C SER A 178 -5.29 -33.65 -23.15
N ASP A 179 -4.42 -33.50 -24.17
CA ASP A 179 -3.15 -34.25 -24.21
C ASP A 179 -1.95 -33.43 -23.71
N GLY A 180 -2.22 -32.24 -23.15
CA GLY A 180 -1.19 -31.34 -22.64
C GLY A 180 -0.64 -30.38 -23.69
N SER A 181 -1.02 -30.57 -24.95
CA SER A 181 -0.60 -29.65 -26.03
C SER A 181 -1.59 -28.49 -26.08
N PHE A 182 -1.39 -27.56 -27.01
CA PHE A 182 -2.28 -26.41 -27.14
C PHE A 182 -2.90 -26.33 -28.50
N PHE A 183 -4.03 -25.63 -28.58
CA PHE A 183 -4.65 -25.32 -29.85
C PHE A 183 -5.21 -23.92 -29.81
N LEU A 184 -5.49 -23.37 -31.00
CA LEU A 184 -6.14 -22.08 -31.15
C LEU A 184 -6.81 -22.06 -32.51
N TYR A 185 -7.68 -21.08 -32.70
CA TYR A 185 -8.25 -20.84 -34.01
C TYR A 185 -8.01 -19.38 -34.39
N SER A 186 -7.85 -19.12 -35.70
CA SER A 186 -7.76 -17.74 -36.17
C SER A 186 -8.84 -17.55 -37.23
N LYS A 187 -9.75 -16.62 -36.97
CA LYS A 187 -10.88 -16.36 -37.85
C LYS A 187 -10.60 -15.19 -38.75
N LEU A 188 -10.61 -15.45 -40.07
CA LEU A 188 -10.48 -14.41 -41.07
C LEU A 188 -11.88 -14.08 -41.61
N THR A 189 -12.24 -12.78 -41.63
CA THR A 189 -13.50 -12.34 -42.21
C THR A 189 -13.19 -11.66 -43.54
N VAL A 190 -13.85 -12.12 -44.59
CA VAL A 190 -13.72 -11.48 -45.90
C VAL A 190 -15.11 -11.28 -46.50
N ASP A 191 -15.20 -10.31 -47.41
CA ASP A 191 -16.41 -10.12 -48.20
C ASP A 191 -16.61 -11.38 -49.04
N LYS A 192 -17.86 -11.87 -49.09
CA LYS A 192 -18.18 -13.10 -49.84
C LYS A 192 -17.73 -13.05 -51.31
N SER A 193 -17.85 -11.88 -51.95
CA SER A 193 -17.43 -11.66 -53.36
C SER A 193 -15.95 -12.03 -53.56
N ARG A 194 -15.06 -11.68 -52.61
CA ARG A 194 -13.62 -12.01 -52.70
C ARG A 194 -13.42 -13.53 -52.65
N TRP A 195 -14.20 -14.24 -51.80
CA TRP A 195 -14.15 -15.70 -51.68
C TRP A 195 -14.69 -16.36 -52.97
N GLN A 196 -15.86 -15.92 -53.44
CA GLN A 196 -16.49 -16.47 -54.63
C GLN A 196 -15.69 -16.23 -55.91
N GLN A 197 -14.79 -15.22 -55.90
CA GLN A 197 -14.01 -14.91 -57.08
C GLN A 197 -12.67 -15.66 -57.13
N GLY A 198 -12.45 -16.61 -56.22
CA GLY A 198 -11.27 -17.47 -56.29
C GLY A 198 -9.97 -16.89 -55.75
N ASN A 199 -10.04 -15.82 -54.96
CA ASN A 199 -8.82 -15.28 -54.32
C ASN A 199 -8.26 -16.27 -53.29
N VAL A 200 -6.93 -16.32 -53.18
CA VAL A 200 -6.22 -17.24 -52.31
C VAL A 200 -5.87 -16.52 -51.01
N PHE A 201 -6.18 -17.16 -49.89
CA PHE A 201 -5.96 -16.66 -48.54
C PHE A 201 -5.02 -17.60 -47.86
N SER A 202 -4.11 -17.07 -47.06
CA SER A 202 -3.16 -17.95 -46.41
CA SER A 202 -3.08 -17.88 -46.42
C SER A 202 -2.95 -17.65 -44.94
N CYS A 203 -2.85 -18.73 -44.19
CA CYS A 203 -2.65 -18.74 -42.75
C CYS A 203 -1.16 -19.08 -42.57
N SER A 204 -0.41 -18.16 -41.99
CA SER A 204 1.05 -18.30 -41.80
C SER A 204 1.33 -18.44 -40.31
N VAL A 205 2.07 -19.47 -39.94
CA VAL A 205 2.33 -19.79 -38.54
C VAL A 205 3.82 -19.88 -38.23
N MET A 206 4.25 -19.27 -37.12
CA MET A 206 5.65 -19.43 -36.67
C MET A 206 5.65 -20.04 -35.28
N HIS A 207 6.42 -21.10 -35.13
CA HIS A 207 6.56 -21.86 -33.88
C HIS A 207 7.94 -22.50 -33.87
N GLU A 208 8.52 -22.63 -32.67
CA GLU A 208 9.85 -23.21 -32.52
C GLU A 208 9.95 -24.67 -33.02
N ALA A 209 8.83 -25.42 -32.99
CA ALA A 209 8.86 -26.84 -33.36
C ALA A 209 8.49 -27.11 -34.80
N LEU A 210 8.23 -26.06 -35.60
CA LEU A 210 8.00 -26.24 -37.03
C LEU A 210 9.38 -26.32 -37.68
N HIS A 211 9.49 -27.07 -38.77
CA HIS A 211 10.74 -27.13 -39.52
C HIS A 211 10.90 -25.75 -40.14
N ASN A 212 12.08 -25.11 -39.90
CA ASN A 212 12.39 -23.76 -40.33
C ASN A 212 11.51 -22.69 -39.65
N HIS A 213 10.88 -23.07 -38.48
CA HIS A 213 10.06 -22.23 -37.61
C HIS A 213 8.90 -21.55 -38.33
N TYR A 214 8.51 -22.07 -39.50
CA TYR A 214 7.47 -21.42 -40.29
C TYR A 214 6.74 -22.40 -41.17
N THR A 215 5.43 -22.20 -41.30
CA THR A 215 4.61 -22.92 -42.26
C THR A 215 3.50 -22.02 -42.75
N GLN A 216 3.08 -22.24 -44.00
CA GLN A 216 1.96 -21.48 -44.59
C GLN A 216 0.98 -22.46 -45.24
N LYS A 217 -0.31 -22.31 -44.92
CA LYS A 217 -1.36 -23.13 -45.50
C LYS A 217 -2.31 -22.18 -46.18
N SER A 218 -2.60 -22.45 -47.45
CA SER A 218 -3.48 -21.59 -48.27
CA SER A 218 -3.48 -21.59 -48.24
C SER A 218 -4.82 -22.25 -48.57
N LEU A 219 -5.86 -21.43 -48.78
CA LEU A 219 -7.22 -21.90 -49.05
C LEU A 219 -7.83 -20.98 -50.12
N SER A 220 -8.68 -21.54 -50.99
CA SER A 220 -9.45 -20.81 -52.00
C SER A 220 -10.65 -21.65 -52.41
N LEU A 221 -11.60 -21.01 -53.12
CA LEU A 221 -12.79 -21.65 -53.65
C LEU A 221 -12.40 -22.30 -54.98
N ALA B 13 1.72 -11.10 1.97
CA ALA B 13 2.00 -9.89 2.74
C ALA B 13 0.88 -8.83 2.61
N GLY B 14 0.28 -8.75 1.41
CA GLY B 14 -0.80 -7.84 1.05
C GLY B 14 -2.20 -8.24 1.48
N GLY B 15 -2.30 -9.36 2.20
CA GLY B 15 -3.55 -9.84 2.75
C GLY B 15 -4.49 -10.45 1.74
N PRO B 16 -5.79 -10.52 2.08
CA PRO B 16 -6.75 -11.17 1.18
C PRO B 16 -6.94 -10.49 -0.18
N SER B 17 -7.27 -11.28 -1.19
CA SER B 17 -7.62 -10.83 -2.55
C SER B 17 -9.06 -11.31 -2.80
N VAL B 18 -9.86 -10.48 -3.46
CA VAL B 18 -11.26 -10.83 -3.73
C VAL B 18 -11.50 -10.98 -5.23
N PHE B 19 -12.26 -12.03 -5.62
CA PHE B 19 -12.64 -12.27 -7.01
C PHE B 19 -14.12 -12.47 -7.04
N LEU B 20 -14.83 -11.65 -7.86
CA LEU B 20 -16.28 -11.68 -7.92
C LEU B 20 -16.70 -12.28 -9.25
N PHE B 21 -17.43 -13.38 -9.22
CA PHE B 21 -17.78 -14.13 -10.43
C PHE B 21 -19.23 -13.98 -10.83
N PRO B 22 -19.51 -13.94 -12.16
CA PRO B 22 -20.91 -13.85 -12.61
C PRO B 22 -21.60 -15.21 -12.47
N PRO B 23 -22.91 -15.27 -12.70
CA PRO B 23 -23.58 -16.61 -12.73
C PRO B 23 -23.15 -17.43 -13.93
N LYS B 24 -23.35 -18.75 -13.85
CA LYS B 24 -23.10 -19.62 -14.99
C LYS B 24 -24.12 -19.23 -16.10
N PRO B 25 -23.64 -19.07 -17.36
CA PRO B 25 -24.56 -18.67 -18.45
C PRO B 25 -25.84 -19.50 -18.57
N LYS B 26 -25.75 -20.84 -18.38
CA LYS B 26 -26.93 -21.72 -18.45
C LYS B 26 -27.90 -21.44 -17.29
N ASP B 27 -27.37 -21.02 -16.12
CA ASP B 27 -28.22 -20.75 -14.98
C ASP B 27 -29.09 -19.52 -15.19
N THR B 28 -28.59 -18.51 -15.92
CA THR B 28 -29.40 -17.29 -16.11
C THR B 28 -30.47 -17.49 -17.18
N LEU B 29 -30.28 -18.50 -18.04
CA LEU B 29 -31.13 -18.78 -19.22
C LEU B 29 -32.23 -19.79 -19.01
N MET B 30 -32.23 -20.46 -17.87
CA MET B 30 -33.21 -21.48 -17.56
C MET B 30 -33.83 -21.15 -16.23
N ILE B 31 -35.14 -20.84 -16.23
CA ILE B 31 -35.85 -20.47 -15.02
C ILE B 31 -35.79 -21.57 -13.95
N SER B 32 -35.72 -22.86 -14.37
CA SER B 32 -35.61 -24.03 -13.49
C SER B 32 -34.25 -24.07 -12.75
N ARG B 33 -33.21 -23.36 -13.27
CA ARG B 33 -31.86 -23.28 -12.68
C ARG B 33 -31.70 -22.04 -11.80
N THR B 34 -30.82 -22.10 -10.79
CA THR B 34 -30.66 -20.98 -9.85
C THR B 34 -29.37 -20.21 -10.13
N PRO B 35 -29.42 -18.99 -10.72
CA PRO B 35 -28.16 -18.24 -10.96
C PRO B 35 -27.67 -17.61 -9.67
N GLU B 36 -26.34 -17.53 -9.54
CA GLU B 36 -25.72 -16.96 -8.36
C GLU B 36 -24.50 -16.14 -8.72
N VAL B 37 -24.24 -15.08 -7.95
CA VAL B 37 -23.00 -14.28 -8.08
CA VAL B 37 -22.98 -14.35 -8.11
C VAL B 37 -22.15 -14.82 -6.92
N THR B 38 -20.86 -15.02 -7.15
CA THR B 38 -19.98 -15.62 -6.13
C THR B 38 -18.83 -14.69 -5.80
N CYS B 39 -18.72 -14.32 -4.53
CA CYS B 39 -17.65 -13.48 -4.03
C CYS B 39 -16.63 -14.39 -3.36
N VAL B 40 -15.46 -14.55 -3.98
CA VAL B 40 -14.42 -15.44 -3.48
C VAL B 40 -13.31 -14.66 -2.83
N VAL B 41 -12.97 -15.01 -1.58
CA VAL B 41 -11.87 -14.33 -0.88
C VAL B 41 -10.74 -15.36 -0.69
N VAL B 42 -9.58 -15.10 -1.28
CA VAL B 42 -8.42 -15.96 -1.13
C VAL B 42 -7.35 -15.25 -0.27
N ASP B 43 -6.33 -15.99 0.14
CA ASP B 43 -5.25 -15.48 1.00
C ASP B 43 -5.77 -14.96 2.34
N VAL B 44 -6.82 -15.62 2.82
CA VAL B 44 -7.39 -15.38 4.15
C VAL B 44 -6.44 -16.17 5.09
N SER B 45 -5.95 -15.53 6.16
CA SER B 45 -5.02 -16.23 7.03
C SER B 45 -5.73 -16.69 8.30
N HIS B 46 -5.03 -17.50 9.12
CA HIS B 46 -5.50 -17.97 10.43
C HIS B 46 -5.78 -16.75 11.35
N GLU B 47 -5.07 -15.64 11.10
CA GLU B 47 -5.21 -14.38 11.85
C GLU B 47 -6.34 -13.45 11.30
N ASP B 48 -7.17 -13.98 10.36
CA ASP B 48 -8.39 -13.35 9.83
C ASP B 48 -9.56 -14.25 10.25
N PRO B 49 -9.91 -14.37 11.58
CA PRO B 49 -10.98 -15.30 11.99
C PRO B 49 -12.38 -14.95 11.49
N GLU B 50 -12.62 -13.67 11.15
CA GLU B 50 -13.90 -13.25 10.62
C GLU B 50 -13.63 -12.64 9.26
N VAL B 51 -14.54 -12.88 8.33
CA VAL B 51 -14.55 -12.28 7.01
C VAL B 51 -16.00 -11.91 6.83
N LYS B 52 -16.28 -10.61 6.91
CA LYS B 52 -17.64 -10.10 6.77
C LYS B 52 -17.90 -9.70 5.33
N PHE B 53 -19.10 -10.02 4.86
CA PHE B 53 -19.55 -9.64 3.51
C PHE B 53 -20.75 -8.72 3.61
N ASN B 54 -20.72 -7.62 2.87
CA ASN B 54 -21.89 -6.74 2.66
C ASN B 54 -22.13 -6.85 1.15
N TRP B 55 -23.40 -7.07 0.78
CA TRP B 55 -23.81 -7.20 -0.63
C TRP B 55 -24.79 -6.10 -0.99
N TYR B 56 -24.68 -5.56 -2.22
CA TYR B 56 -25.54 -4.49 -2.73
C TYR B 56 -25.98 -4.82 -4.13
N VAL B 57 -27.22 -4.45 -4.48
CA VAL B 57 -27.74 -4.63 -5.82
C VAL B 57 -28.14 -3.22 -6.20
N ASP B 58 -27.47 -2.67 -7.22
CA ASP B 58 -27.67 -1.27 -7.64
C ASP B 58 -27.51 -0.28 -6.44
N GLY B 59 -26.55 -0.57 -5.56
CA GLY B 59 -26.21 0.23 -4.39
C GLY B 59 -27.11 0.04 -3.17
N VAL B 60 -28.12 -0.83 -3.28
CA VAL B 60 -29.05 -1.10 -2.18
C VAL B 60 -28.59 -2.34 -1.46
N GLU B 61 -28.40 -2.28 -0.14
CA GLU B 61 -27.95 -3.45 0.60
C GLU B 61 -28.96 -4.59 0.60
N VAL B 62 -28.47 -5.81 0.35
CA VAL B 62 -29.29 -7.03 0.33
C VAL B 62 -28.79 -7.98 1.41
N HIS B 63 -29.67 -8.89 1.90
CA HIS B 63 -29.35 -9.73 3.06
C HIS B 63 -29.49 -11.22 2.86
N ASN B 64 -29.71 -11.64 1.62
CA ASN B 64 -29.95 -13.04 1.33
C ASN B 64 -28.68 -13.86 0.99
N ALA B 65 -27.45 -13.26 1.08
CA ALA B 65 -26.25 -14.06 0.72
C ALA B 65 -25.96 -15.15 1.78
N LYS B 66 -25.27 -16.23 1.37
CA LYS B 66 -24.88 -17.33 2.27
C LYS B 66 -23.34 -17.50 2.22
N THR B 67 -22.67 -17.41 3.39
CA THR B 67 -21.22 -17.60 3.45
C THR B 67 -20.97 -19.08 3.72
N LYS B 68 -20.04 -19.64 2.99
CA LYS B 68 -19.66 -21.03 3.15
C LYS B 68 -18.55 -21.08 4.22
N PRO B 69 -18.41 -22.20 4.95
CA PRO B 69 -17.32 -22.27 5.94
C PRO B 69 -15.96 -22.17 5.24
N ARG B 70 -14.96 -21.60 5.93
CA ARG B 70 -13.62 -21.42 5.37
C ARG B 70 -13.02 -22.74 4.97
N GLU B 71 -12.30 -22.75 3.84
CA GLU B 71 -11.65 -23.97 3.40
C GLU B 71 -10.14 -23.77 3.31
N GLU B 72 -9.41 -24.56 4.04
CA GLU B 72 -7.96 -24.53 4.01
C GLU B 72 -7.45 -24.94 2.63
N GLN B 73 -6.41 -24.24 2.16
CA GLN B 73 -5.71 -24.50 0.91
C GLN B 73 -4.34 -25.13 1.19
N TYR B 74 -3.74 -25.77 0.16
CA TYR B 74 -2.44 -26.41 0.36
C TYR B 74 -1.28 -25.43 0.53
N ASN B 75 -1.53 -24.12 0.32
CA ASN B 75 -0.50 -23.12 0.51
C ASN B 75 -0.64 -22.43 1.89
N SER B 76 -1.33 -23.10 2.82
CA SER B 76 -1.56 -22.69 4.22
C SER B 76 -2.33 -21.35 4.34
N THR B 77 -3.26 -21.12 3.43
CA THR B 77 -4.18 -19.97 3.49
C THR B 77 -5.56 -20.58 3.47
N TYR B 78 -6.59 -19.75 3.66
CA TYR B 78 -7.97 -20.18 3.57
C TYR B 78 -8.67 -19.48 2.42
N ARG B 79 -9.76 -20.08 1.96
CA ARG B 79 -10.62 -19.56 0.90
C ARG B 79 -12.01 -19.46 1.53
N VAL B 80 -12.60 -18.28 1.44
CA VAL B 80 -13.90 -17.97 2.03
C VAL B 80 -14.79 -17.49 0.90
N VAL B 81 -15.93 -18.16 0.74
CA VAL B 81 -16.87 -17.87 -0.37
C VAL B 81 -18.22 -17.39 0.15
N SER B 82 -18.75 -16.31 -0.44
CA SER B 82 -20.11 -15.86 -0.14
C SER B 82 -20.90 -15.96 -1.45
N VAL B 83 -22.09 -16.56 -1.39
CA VAL B 83 -22.90 -16.77 -2.60
C VAL B 83 -24.17 -15.94 -2.49
N LEU B 84 -24.49 -15.18 -3.54
CA LEU B 84 -25.72 -14.39 -3.57
C LEU B 84 -26.60 -14.92 -4.72
N THR B 85 -27.75 -15.49 -4.37
CA THR B 85 -28.72 -15.93 -5.39
C THR B 85 -29.27 -14.66 -6.06
N VAL B 86 -29.31 -14.67 -7.40
CA VAL B 86 -29.84 -13.51 -8.15
C VAL B 86 -31.08 -13.90 -8.92
N LEU B 87 -31.93 -12.94 -9.24
CA LEU B 87 -33.06 -13.23 -10.13
C LEU B 87 -32.55 -13.27 -11.57
N HIS B 88 -33.10 -14.17 -12.41
CA HIS B 88 -32.69 -14.24 -13.81
C HIS B 88 -32.93 -12.88 -14.47
N GLN B 89 -34.08 -12.26 -14.18
CA GLN B 89 -34.49 -10.96 -14.74
C GLN B 89 -33.52 -9.84 -14.31
N ASP B 90 -33.08 -9.85 -13.06
CA ASP B 90 -32.14 -8.82 -12.54
C ASP B 90 -30.79 -8.88 -13.23
N TRP B 91 -30.20 -10.09 -13.34
CA TRP B 91 -28.94 -10.24 -14.03
C TRP B 91 -29.09 -9.76 -15.48
N LEU B 92 -30.08 -10.33 -16.20
CA LEU B 92 -30.31 -10.02 -17.62
C LEU B 92 -30.68 -8.56 -17.88
N ASN B 93 -31.27 -7.88 -16.89
CA ASN B 93 -31.63 -6.47 -16.97
C ASN B 93 -30.47 -5.54 -16.63
N GLY B 94 -29.30 -6.11 -16.32
CA GLY B 94 -28.09 -5.34 -16.08
C GLY B 94 -27.91 -4.74 -14.70
N LYS B 95 -28.58 -5.30 -13.67
CA LYS B 95 -28.35 -4.83 -12.31
C LYS B 95 -26.89 -5.05 -11.90
N GLU B 96 -26.34 -4.13 -11.10
CA GLU B 96 -24.96 -4.21 -10.63
C GLU B 96 -24.89 -4.85 -9.26
N TYR B 97 -24.00 -5.83 -9.09
CA TYR B 97 -23.83 -6.55 -7.83
C TYR B 97 -22.48 -6.18 -7.24
N LYS B 98 -22.52 -5.73 -6.01
CA LYS B 98 -21.30 -5.36 -5.31
C LYS B 98 -21.11 -6.20 -4.08
N CYS B 99 -19.89 -6.72 -3.93
CA CYS B 99 -19.47 -7.46 -2.78
C CYS B 99 -18.43 -6.64 -2.05
N LYS B 100 -18.62 -6.43 -0.75
CA LYS B 100 -17.68 -5.68 0.10
C LYS B 100 -17.19 -6.59 1.19
N VAL B 101 -15.86 -6.71 1.30
CA VAL B 101 -15.21 -7.64 2.26
C VAL B 101 -14.47 -6.85 3.35
N SER B 102 -14.73 -7.19 4.60
CA SER B 102 -14.13 -6.45 5.72
C SER B 102 -13.87 -7.34 6.92
N ASN B 103 -13.03 -6.85 7.83
CA ASN B 103 -12.72 -7.42 9.13
C ASN B 103 -11.81 -6.40 9.83
N LYS B 104 -11.41 -6.70 11.06
CA LYS B 104 -10.58 -5.77 11.84
C LYS B 104 -9.06 -5.80 11.47
N ALA B 105 -8.70 -6.40 10.33
CA ALA B 105 -7.34 -6.31 9.80
C ALA B 105 -7.48 -5.69 8.38
N LEU B 106 -8.69 -5.23 7.99
CA LEU B 106 -8.92 -4.61 6.70
C LEU B 106 -9.29 -3.12 6.86
N GLY B 107 -8.29 -2.29 7.14
CA GLY B 107 -8.43 -0.84 7.32
C GLY B 107 -9.08 -0.16 6.12
N ALA B 108 -8.90 -0.76 4.92
CA ALA B 108 -9.58 -0.35 3.71
C ALA B 108 -10.41 -1.58 3.22
N PRO B 109 -11.73 -1.65 3.51
CA PRO B 109 -12.53 -2.79 3.00
C PRO B 109 -12.37 -2.96 1.49
N ILE B 110 -12.46 -4.19 0.99
CA ILE B 110 -12.25 -4.45 -0.44
C ILE B 110 -13.62 -4.53 -1.08
N GLU B 111 -13.81 -3.82 -2.19
CA GLU B 111 -15.06 -3.80 -2.94
C GLU B 111 -14.82 -4.30 -4.34
N LYS B 112 -15.75 -5.13 -4.86
CA LYS B 112 -15.71 -5.61 -6.24
C LYS B 112 -17.13 -5.47 -6.75
N THR B 113 -17.29 -5.12 -8.01
CA THR B 113 -18.63 -4.99 -8.65
C THR B 113 -18.67 -5.81 -9.91
N ILE B 114 -19.82 -6.43 -10.22
CA ILE B 114 -19.97 -7.17 -11.47
C ILE B 114 -21.40 -6.90 -11.99
N SER B 115 -21.55 -6.94 -13.31
CA SER B 115 -22.86 -6.83 -14.00
C SER B 115 -22.69 -7.36 -15.41
N LYS B 116 -23.82 -7.70 -16.03
CA LYS B 116 -23.88 -8.15 -17.41
C LYS B 116 -23.39 -6.93 -18.25
N ALA B 117 -22.61 -7.16 -19.31
CA ALA B 117 -22.09 -6.08 -20.18
C ALA B 117 -23.24 -5.29 -20.81
N LYS B 118 -23.10 -3.96 -20.86
CA LYS B 118 -24.07 -3.02 -21.43
C LYS B 118 -24.04 -3.06 -22.97
N GLY B 119 -25.23 -3.02 -23.58
CA GLY B 119 -25.39 -3.00 -25.03
C GLY B 119 -26.49 -3.90 -25.55
N GLN B 120 -26.89 -3.70 -26.83
CA GLN B 120 -27.95 -4.49 -27.42
C GLN B 120 -27.53 -5.98 -27.59
N PRO B 121 -28.30 -6.95 -27.04
CA PRO B 121 -27.94 -8.38 -27.21
C PRO B 121 -28.05 -8.84 -28.67
N ARG B 122 -27.11 -9.70 -29.09
CA ARG B 122 -27.04 -10.17 -30.47
C ARG B 122 -27.03 -11.68 -30.56
N GLU B 123 -27.78 -12.17 -31.52
CA GLU B 123 -27.96 -13.60 -31.76
C GLU B 123 -26.65 -14.30 -32.21
N PRO B 124 -26.22 -15.37 -31.51
CA PRO B 124 -25.10 -16.17 -32.05
C PRO B 124 -25.46 -16.88 -33.36
N GLN B 125 -24.53 -16.86 -34.33
CA GLN B 125 -24.66 -17.56 -35.61
C GLN B 125 -23.78 -18.78 -35.37
N VAL B 126 -24.36 -19.98 -35.52
CA VAL B 126 -23.67 -21.23 -35.22
C VAL B 126 -23.34 -21.98 -36.50
N TYR B 127 -22.05 -22.27 -36.73
CA TYR B 127 -21.57 -22.94 -37.93
C TYR B 127 -20.74 -24.16 -37.63
N THR B 128 -21.11 -25.31 -38.20
CA THR B 128 -20.30 -26.51 -37.97
C THR B 128 -19.34 -26.67 -39.13
N LEU B 129 -18.12 -27.15 -38.87
CA LEU B 129 -17.12 -27.30 -39.90
C LEU B 129 -16.49 -28.68 -39.80
N PRO B 130 -16.45 -29.43 -40.92
CA PRO B 130 -15.85 -30.78 -40.89
C PRO B 130 -14.33 -30.75 -40.71
N PRO B 131 -13.66 -31.92 -40.52
CA PRO B 131 -12.19 -31.87 -40.43
C PRO B 131 -11.64 -31.45 -41.78
N SER B 132 -10.44 -30.87 -41.77
CA SER B 132 -9.74 -30.57 -43.01
C SER B 132 -9.36 -31.94 -43.63
N ARG B 133 -9.36 -32.02 -44.98
CA ARG B 133 -8.96 -33.22 -45.74
C ARG B 133 -7.57 -33.68 -45.27
N ASP B 134 -6.67 -32.71 -44.94
CA ASP B 134 -5.32 -32.93 -44.42
C ASP B 134 -5.29 -33.66 -43.07
N GLU B 135 -6.31 -33.48 -42.24
CA GLU B 135 -6.40 -34.12 -40.92
C GLU B 135 -6.79 -35.61 -41.00
N LEU B 136 -7.33 -36.05 -42.16
CA LEU B 136 -7.79 -37.44 -42.37
C LEU B 136 -6.64 -38.48 -42.38
N THR B 137 -5.38 -38.04 -42.23
CA THR B 137 -4.20 -38.90 -42.13
C THR B 137 -4.08 -39.39 -40.67
N LYS B 138 -4.57 -38.57 -39.72
CA LYS B 138 -4.53 -38.83 -38.27
C LYS B 138 -5.61 -39.82 -37.83
N ASN B 139 -5.41 -40.49 -36.69
CA ASN B 139 -6.36 -41.47 -36.14
C ASN B 139 -7.55 -40.80 -35.46
N GLN B 140 -7.36 -39.54 -35.03
CA GLN B 140 -8.39 -38.69 -34.42
C GLN B 140 -8.55 -37.43 -35.28
N VAL B 141 -9.81 -37.00 -35.49
CA VAL B 141 -10.16 -35.81 -36.29
C VAL B 141 -10.86 -34.74 -35.43
N SER B 142 -10.81 -33.47 -35.88
CA SER B 142 -11.43 -32.33 -35.21
C SER B 142 -12.70 -31.88 -35.90
N LEU B 143 -13.77 -31.79 -35.14
CA LEU B 143 -15.06 -31.25 -35.62
C LEU B 143 -15.12 -29.90 -34.97
N THR B 144 -15.36 -28.87 -35.76
CA THR B 144 -15.31 -27.49 -35.28
C THR B 144 -16.67 -26.85 -35.23
N CYS B 145 -16.95 -26.15 -34.15
CA CYS B 145 -18.16 -25.37 -34.06
C CYS B 145 -17.78 -23.90 -33.90
N LEU B 146 -18.09 -23.08 -34.88
CA LEU B 146 -17.82 -21.64 -34.88
C LEU B 146 -19.11 -20.97 -34.39
N VAL B 147 -19.00 -20.15 -33.33
CA VAL B 147 -20.16 -19.42 -32.78
C VAL B 147 -19.77 -17.96 -32.85
N LYS B 148 -20.46 -17.19 -33.70
CA LYS B 148 -20.04 -15.81 -33.87
C LYS B 148 -21.15 -14.80 -33.81
N GLY B 149 -20.74 -13.53 -33.74
CA GLY B 149 -21.63 -12.37 -33.77
C GLY B 149 -22.56 -12.24 -32.57
N PHE B 150 -22.19 -12.84 -31.41
CA PHE B 150 -23.06 -12.77 -30.23
C PHE B 150 -22.68 -11.66 -29.22
N TYR B 151 -23.69 -11.22 -28.46
CA TYR B 151 -23.53 -10.20 -27.43
C TYR B 151 -24.68 -10.35 -26.39
N PRO B 152 -24.40 -10.35 -25.06
CA PRO B 152 -23.07 -10.20 -24.44
C PRO B 152 -22.29 -11.50 -24.58
N SER B 153 -21.08 -11.58 -24.00
CA SER B 153 -20.24 -12.76 -24.14
C SER B 153 -20.72 -14.01 -23.39
N ASP B 154 -21.69 -13.89 -22.45
CA ASP B 154 -22.17 -15.04 -21.66
C ASP B 154 -22.83 -16.04 -22.58
N ILE B 155 -22.30 -17.30 -22.62
CA ILE B 155 -22.75 -18.36 -23.54
C ILE B 155 -22.34 -19.73 -22.99
N ALA B 156 -23.05 -20.78 -23.45
CA ALA B 156 -22.74 -22.17 -23.11
C ALA B 156 -22.75 -22.94 -24.41
N VAL B 157 -21.78 -23.86 -24.59
CA VAL B 157 -21.61 -24.69 -25.79
C VAL B 157 -21.29 -26.11 -25.34
N GLU B 158 -21.92 -27.10 -25.97
CA GLU B 158 -21.77 -28.54 -25.69
C GLU B 158 -21.92 -29.32 -26.98
N TRP B 159 -21.50 -30.59 -26.94
CA TRP B 159 -21.58 -31.50 -28.06
C TRP B 159 -22.39 -32.73 -27.67
N GLU B 160 -23.10 -33.29 -28.67
CA GLU B 160 -23.93 -34.47 -28.52
C GLU B 160 -23.73 -35.34 -29.75
N SER B 161 -24.11 -36.61 -29.63
CA SER B 161 -24.11 -37.60 -30.70
C SER B 161 -25.08 -38.69 -30.24
N ASN B 162 -26.06 -39.01 -31.11
CA ASN B 162 -27.09 -40.04 -30.94
C ASN B 162 -27.79 -39.99 -29.57
N GLY B 163 -28.20 -38.78 -29.18
CA GLY B 163 -28.87 -38.51 -27.91
C GLY B 163 -27.93 -38.22 -26.76
N GLN B 164 -26.83 -38.99 -26.65
CA GLN B 164 -25.85 -38.89 -25.57
C GLN B 164 -24.83 -37.75 -25.71
N PRO B 165 -24.32 -37.17 -24.59
CA PRO B 165 -23.34 -36.08 -24.72
C PRO B 165 -21.94 -36.56 -25.08
N GLU B 166 -21.26 -35.76 -25.92
CA GLU B 166 -19.87 -35.98 -26.33
C GLU B 166 -19.09 -35.06 -25.39
N ASN B 167 -18.07 -35.59 -24.69
CA ASN B 167 -17.35 -34.78 -23.71
C ASN B 167 -15.88 -34.53 -24.06
N ASN B 168 -15.38 -35.15 -25.16
CA ASN B 168 -14.01 -35.00 -25.61
C ASN B 168 -13.84 -33.72 -26.44
N TYR B 169 -14.33 -32.60 -25.87
CA TYR B 169 -14.28 -31.30 -26.51
C TYR B 169 -13.59 -30.24 -25.65
N LYS B 170 -13.12 -29.18 -26.31
CA LYS B 170 -12.53 -28.01 -25.67
C LYS B 170 -13.07 -26.80 -26.39
N THR B 171 -13.48 -25.78 -25.63
CA THR B 171 -14.02 -24.54 -26.20
C THR B 171 -13.10 -23.38 -25.85
N THR B 172 -12.85 -22.48 -26.81
CA THR B 172 -12.04 -21.30 -26.56
C THR B 172 -12.87 -20.28 -25.71
N PRO B 173 -12.22 -19.34 -25.00
CA PRO B 173 -12.99 -18.27 -24.36
C PRO B 173 -13.62 -17.39 -25.45
N PRO B 174 -14.67 -16.60 -25.16
CA PRO B 174 -15.17 -15.65 -26.16
C PRO B 174 -14.06 -14.64 -26.51
N VAL B 175 -14.00 -14.24 -27.77
CA VAL B 175 -13.02 -13.25 -28.26
C VAL B 175 -13.78 -12.04 -28.77
N LEU B 176 -13.35 -10.83 -28.40
CA LEU B 176 -13.97 -9.60 -28.89
C LEU B 176 -13.65 -9.43 -30.38
N ASP B 177 -14.69 -9.37 -31.21
CA ASP B 177 -14.51 -9.22 -32.65
C ASP B 177 -14.40 -7.75 -33.07
N SER B 178 -14.08 -7.49 -34.36
CA SER B 178 -13.86 -6.15 -34.87
C SER B 178 -15.11 -5.26 -34.90
N ASP B 179 -16.31 -5.84 -34.80
CA ASP B 179 -17.58 -5.10 -34.83
C ASP B 179 -18.21 -4.89 -33.41
N GLY B 180 -17.52 -5.33 -32.35
CA GLY B 180 -18.01 -5.20 -30.97
C GLY B 180 -18.75 -6.41 -30.43
N SER B 181 -19.03 -7.40 -31.29
CA SER B 181 -19.67 -8.66 -30.89
C SER B 181 -18.55 -9.63 -30.49
N PHE B 182 -18.90 -10.81 -30.01
CA PHE B 182 -17.94 -11.84 -29.64
C PHE B 182 -18.05 -13.06 -30.54
N PHE B 183 -16.98 -13.84 -30.59
CA PHE B 183 -16.98 -15.14 -31.25
C PHE B 183 -16.20 -16.13 -30.41
N LEU B 184 -16.39 -17.42 -30.66
CA LEU B 184 -15.59 -18.47 -30.05
C LEU B 184 -15.62 -19.68 -30.97
N TYR B 185 -14.77 -20.66 -30.70
CA TYR B 185 -14.78 -21.91 -31.42
C TYR B 185 -14.79 -23.03 -30.37
N SER B 186 -15.47 -24.14 -30.67
CA SER B 186 -15.47 -25.34 -29.84
C SER B 186 -14.94 -26.48 -30.71
N LYS B 187 -13.92 -27.20 -30.23
CA LYS B 187 -13.30 -28.30 -30.96
C LYS B 187 -13.65 -29.67 -30.30
N LEU B 188 -14.36 -30.54 -31.03
CA LEU B 188 -14.69 -31.91 -30.57
C LEU B 188 -13.74 -32.89 -31.28
N THR B 189 -12.95 -33.65 -30.50
CA THR B 189 -12.03 -34.65 -31.08
C THR B 189 -12.72 -36.02 -31.07
N VAL B 190 -12.77 -36.68 -32.23
CA VAL B 190 -13.39 -38.00 -32.36
C VAL B 190 -12.42 -38.91 -33.09
N ASP B 191 -12.56 -40.24 -32.91
CA ASP B 191 -11.73 -41.16 -33.67
C ASP B 191 -12.21 -41.07 -35.12
N LYS B 192 -11.27 -41.05 -36.07
CA LYS B 192 -11.55 -40.95 -37.51
C LYS B 192 -12.67 -41.90 -37.93
N SER B 193 -12.61 -43.18 -37.46
CA SER B 193 -13.56 -44.27 -37.74
C SER B 193 -15.02 -43.85 -37.46
N ARG B 194 -15.25 -43.13 -36.34
CA ARG B 194 -16.57 -42.62 -35.93
C ARG B 194 -17.11 -41.60 -36.96
N TRP B 195 -16.22 -40.74 -37.49
CA TRP B 195 -16.52 -39.74 -38.52
C TRP B 195 -16.73 -40.41 -39.89
N GLN B 196 -15.86 -41.37 -40.27
CA GLN B 196 -15.96 -42.08 -41.55
C GLN B 196 -17.22 -42.97 -41.65
N GLN B 197 -17.74 -43.44 -40.49
CA GLN B 197 -18.94 -44.27 -40.33
C GLN B 197 -20.26 -43.49 -40.62
N GLY B 198 -20.17 -42.16 -40.68
CA GLY B 198 -21.31 -41.29 -40.97
C GLY B 198 -22.12 -40.88 -39.77
N ASN B 199 -21.58 -41.08 -38.55
CA ASN B 199 -22.26 -40.72 -37.30
C ASN B 199 -22.50 -39.21 -37.27
N VAL B 200 -23.69 -38.81 -36.81
CA VAL B 200 -24.08 -37.40 -36.75
C VAL B 200 -23.69 -36.80 -35.39
N PHE B 201 -22.92 -35.70 -35.44
CA PHE B 201 -22.48 -34.98 -34.22
C PHE B 201 -23.18 -33.64 -34.18
N SER B 202 -23.48 -33.16 -32.99
CA SER B 202 -24.22 -31.91 -32.83
C SER B 202 -23.55 -30.94 -31.87
N CYS B 203 -23.57 -29.66 -32.24
CA CYS B 203 -23.04 -28.55 -31.45
C CYS B 203 -24.26 -27.78 -30.96
N SER B 204 -24.45 -27.74 -29.62
CA SER B 204 -25.58 -27.02 -29.03
C SER B 204 -25.09 -25.79 -28.24
N VAL B 205 -25.82 -24.69 -28.44
CA VAL B 205 -25.48 -23.39 -27.90
C VAL B 205 -26.65 -22.85 -27.09
N MET B 206 -26.34 -22.33 -25.90
CA MET B 206 -27.33 -21.65 -25.07
C MET B 206 -26.92 -20.18 -24.90
N HIS B 207 -27.81 -19.27 -25.30
CA HIS B 207 -27.53 -17.83 -25.22
C HIS B 207 -28.87 -17.12 -25.10
N GLU B 208 -28.89 -15.92 -24.49
CA GLU B 208 -30.16 -15.20 -24.30
C GLU B 208 -30.84 -14.79 -25.58
N ALA B 209 -30.07 -14.64 -26.66
CA ALA B 209 -30.61 -14.13 -27.93
C ALA B 209 -31.00 -15.20 -28.95
N LEU B 210 -31.15 -16.46 -28.50
CA LEU B 210 -31.59 -17.61 -29.30
C LEU B 210 -33.03 -17.97 -28.89
N HIS B 211 -33.80 -18.66 -29.80
CA HIS B 211 -35.19 -19.10 -29.50
C HIS B 211 -35.17 -20.10 -28.36
N ASN B 212 -36.00 -19.88 -27.33
CA ASN B 212 -36.07 -20.69 -26.10
C ASN B 212 -34.65 -20.88 -25.51
N HIS B 213 -33.79 -19.85 -25.74
CA HIS B 213 -32.37 -19.75 -25.30
C HIS B 213 -31.48 -20.93 -25.77
N TYR B 214 -31.86 -21.62 -26.86
CA TYR B 214 -31.10 -22.79 -27.32
C TYR B 214 -31.14 -22.98 -28.82
N THR B 215 -30.00 -23.44 -29.38
CA THR B 215 -29.96 -23.84 -30.78
C THR B 215 -28.99 -25.01 -30.94
N GLN B 216 -29.19 -25.78 -32.02
CA GLN B 216 -28.35 -26.94 -32.28
C GLN B 216 -28.03 -27.03 -33.77
N LYS B 217 -26.76 -27.36 -34.08
CA LYS B 217 -26.29 -27.51 -35.45
C LYS B 217 -25.63 -28.87 -35.54
N SER B 218 -25.97 -29.65 -36.56
CA SER B 218 -25.40 -30.98 -36.74
C SER B 218 -24.32 -30.99 -37.82
N LEU B 219 -23.49 -32.04 -37.79
CA LEU B 219 -22.36 -32.22 -38.72
C LEU B 219 -22.16 -33.73 -38.90
N SER B 220 -22.09 -34.16 -40.17
CA SER B 220 -21.89 -35.55 -40.57
C SER B 220 -21.16 -35.60 -41.90
N LEU B 221 -20.43 -36.71 -42.13
CA LEU B 221 -19.64 -36.94 -43.35
C LEU B 221 -20.52 -36.85 -44.61
N GLU C 1 2.93 10.53 -0.65
CA GLU C 1 3.16 10.27 0.77
C GLU C 1 1.86 10.45 1.57
N VAL C 2 1.58 9.55 2.54
CA VAL C 2 0.39 9.63 3.42
C VAL C 2 0.62 10.79 4.41
N LYS C 3 -0.29 11.77 4.45
CA LYS C 3 -0.17 12.92 5.33
C LYS C 3 -1.48 13.17 6.07
N LEU C 4 -1.38 13.38 7.39
CA LEU C 4 -2.51 13.65 8.28
C LEU C 4 -2.14 14.86 9.09
N LEU C 5 -2.94 15.91 9.03
CA LEU C 5 -2.59 17.14 9.77
C LEU C 5 -3.76 17.58 10.62
N GLU C 6 -3.61 17.41 11.94
CA GLU C 6 -4.65 17.81 12.89
C GLU C 6 -4.60 19.31 13.11
N SER C 7 -5.76 19.92 13.40
CA SER C 7 -5.86 21.34 13.73
C SER C 7 -7.05 21.55 14.65
N GLY C 8 -7.16 22.75 15.24
CA GLY C 8 -8.30 23.09 16.07
C GLY C 8 -8.06 23.05 17.56
N GLY C 9 -6.88 22.58 17.95
CA GLY C 9 -6.45 22.52 19.34
C GLY C 9 -6.16 23.91 19.89
N GLY C 10 -5.85 23.97 21.18
CA GLY C 10 -5.61 25.23 21.87
C GLY C 10 -6.29 25.23 23.22
N LEU C 11 -6.47 26.43 23.76
CA LEU C 11 -7.05 26.63 25.06
C LEU C 11 -8.58 26.56 25.01
N VAL C 12 -9.16 25.78 25.92
CA VAL C 12 -10.64 25.71 26.05
C VAL C 12 -11.01 25.75 27.52
N GLN C 13 -12.03 26.55 27.89
CA GLN C 13 -12.48 26.63 29.27
C GLN C 13 -13.14 25.34 29.73
N PRO C 14 -12.99 24.95 31.01
CA PRO C 14 -13.74 23.78 31.52
C PRO C 14 -15.23 23.95 31.25
N GLY C 15 -15.87 22.87 30.80
CA GLY C 15 -17.29 22.86 30.43
C GLY C 15 -17.54 23.31 29.00
N GLY C 16 -16.47 23.77 28.34
CA GLY C 16 -16.52 24.24 26.96
C GLY C 16 -16.60 23.12 25.94
N SER C 17 -16.72 23.47 24.67
CA SER C 17 -16.80 22.56 23.53
C SER C 17 -15.78 22.94 22.47
N LEU C 18 -15.28 21.97 21.69
CA LEU C 18 -14.25 22.27 20.69
C LEU C 18 -14.34 21.24 19.58
N LYS C 19 -14.13 21.64 18.32
CA LYS C 19 -14.18 20.69 17.22
C LYS C 19 -12.80 20.63 16.57
N LEU C 20 -12.21 19.45 16.54
CA LEU C 20 -10.91 19.27 15.90
C LEU C 20 -11.13 18.79 14.51
N SER C 21 -10.14 19.03 13.65
CA SER C 21 -10.12 18.59 12.26
C SER C 21 -8.81 17.86 12.00
N CYS C 22 -8.86 16.98 11.00
CA CYS C 22 -7.69 16.25 10.53
C CYS C 22 -7.79 16.25 9.03
N ALA C 23 -6.86 16.97 8.37
CA ALA C 23 -6.84 17.07 6.89
C ALA C 23 -5.97 15.98 6.34
N ALA C 24 -6.52 15.17 5.46
CA ALA C 24 -5.77 14.06 4.88
C ALA C 24 -5.35 14.36 3.43
N SER C 25 -4.19 13.84 3.02
CA SER C 25 -3.74 13.93 1.63
C SER C 25 -2.78 12.77 1.32
N GLY C 26 -2.57 12.50 0.03
CA GLY C 26 -1.67 11.44 -0.40
C GLY C 26 -2.30 10.07 -0.58
N PHE C 27 -3.64 9.98 -0.43
CA PHE C 27 -4.38 8.71 -0.55
C PHE C 27 -5.85 8.97 -0.81
N ASP C 28 -6.61 7.90 -1.11
CA ASP C 28 -8.05 8.07 -1.31
C ASP C 28 -8.70 7.88 0.07
N PHE C 29 -8.98 9.02 0.75
CA PHE C 29 -9.56 9.08 2.11
C PHE C 29 -10.87 8.30 2.23
N SER C 30 -11.68 8.29 1.17
CA SER C 30 -12.97 7.60 1.17
C SER C 30 -12.86 6.07 1.28
N ARG C 31 -11.65 5.49 1.11
CA ARG C 31 -11.46 4.02 1.18
C ARG C 31 -11.24 3.47 2.62
N TYR C 32 -10.81 4.33 3.54
CA TYR C 32 -10.36 3.91 4.89
C TYR C 32 -11.22 4.24 6.08
N TRP C 33 -11.19 3.33 7.06
CA TRP C 33 -11.66 3.65 8.40
C TRP C 33 -10.66 4.73 8.94
N MET C 34 -11.06 5.52 9.94
CA MET C 34 -10.16 6.47 10.57
C MET C 34 -10.37 6.38 12.04
N ASN C 35 -9.30 6.55 12.85
CA ASN C 35 -9.38 6.54 14.31
C ASN C 35 -9.05 7.91 14.88
N TRP C 36 -9.49 8.17 16.11
CA TRP C 36 -9.02 9.25 16.95
C TRP C 36 -8.43 8.57 18.21
N VAL C 37 -7.23 8.99 18.62
CA VAL C 37 -6.56 8.45 19.81
C VAL C 37 -6.02 9.68 20.57
N ARG C 38 -5.98 9.64 21.88
CA ARG C 38 -5.36 10.75 22.61
C ARG C 38 -4.29 10.26 23.60
N GLN C 39 -3.48 11.21 24.05
CA GLN C 39 -2.49 10.97 25.08
C GLN C 39 -2.42 12.16 26.03
N ALA C 40 -2.94 11.97 27.24
CA ALA C 40 -2.90 12.99 28.30
C ALA C 40 -1.45 13.06 28.89
N PRO C 41 -1.04 14.21 29.46
CA PRO C 41 0.33 14.32 30.00
C PRO C 41 0.64 13.27 31.06
N GLY C 42 1.81 12.65 30.92
CA GLY C 42 2.29 11.57 31.78
C GLY C 42 1.49 10.27 31.73
N LYS C 43 0.61 10.12 30.70
CA LYS C 43 -0.22 8.93 30.54
C LYS C 43 0.04 8.22 29.22
N GLY C 44 -0.55 7.04 29.09
CA GLY C 44 -0.44 6.23 27.88
C GLY C 44 -1.47 6.63 26.84
N LEU C 45 -1.49 5.92 25.74
CA LEU C 45 -2.49 6.15 24.67
C LEU C 45 -3.86 5.72 25.14
N GLU C 46 -4.89 6.45 24.73
CA GLU C 46 -6.26 6.07 25.02
C GLU C 46 -7.06 6.23 23.73
N TRP C 47 -7.68 5.14 23.28
CA TRP C 47 -8.46 5.17 22.07
C TRP C 47 -9.73 5.98 22.30
N ILE C 48 -10.14 6.78 21.30
CA ILE C 48 -11.38 7.56 21.47
C ILE C 48 -12.45 6.85 20.65
N GLY C 49 -12.17 6.67 19.36
CA GLY C 49 -13.12 5.98 18.49
C GLY C 49 -12.66 5.88 17.06
N GLU C 50 -13.54 5.39 16.23
CA GLU C 50 -13.26 5.20 14.82
C GLU C 50 -14.52 5.34 14.01
N ILE C 51 -14.34 5.51 12.71
CA ILE C 51 -15.48 5.70 11.81
C ILE C 51 -15.25 4.95 10.50
N THR C 52 -16.29 4.28 10.01
CA THR C 52 -16.13 3.58 8.74
C THR C 52 -15.95 4.57 7.57
N PRO C 53 -15.43 4.10 6.41
CA PRO C 53 -15.35 5.00 5.23
C PRO C 53 -16.66 5.72 4.92
N ASP C 54 -17.82 5.03 5.01
CA ASP C 54 -19.14 5.60 4.65
C ASP C 54 -19.92 6.21 5.83
N SER C 55 -19.32 6.22 7.04
CA SER C 55 -19.90 6.77 8.28
C SER C 55 -21.07 5.96 8.84
N SER C 56 -21.38 4.76 8.27
CA SER C 56 -22.50 3.91 8.74
C SER C 56 -22.28 3.36 10.15
N THR C 57 -21.00 3.14 10.52
CA THR C 57 -20.64 2.69 11.86
C THR C 57 -19.60 3.65 12.46
N ILE C 58 -19.88 4.12 13.67
CA ILE C 58 -19.01 4.95 14.50
C ILE C 58 -18.91 4.22 15.83
N ASN C 59 -17.69 3.81 16.18
CA ASN C 59 -17.42 3.10 17.42
C ASN C 59 -16.68 4.03 18.37
N TYR C 60 -16.89 3.86 19.68
CA TYR C 60 -16.26 4.69 20.71
C TYR C 60 -15.84 3.87 21.89
N THR C 61 -14.83 4.38 22.64
CA THR C 61 -14.51 3.82 23.96
C THR C 61 -15.82 4.02 24.77
N PRO C 62 -16.40 2.93 25.37
CA PRO C 62 -17.71 3.06 26.04
C PRO C 62 -17.84 4.23 27.00
N SER C 63 -16.83 4.46 27.84
CA SER C 63 -16.82 5.55 28.82
C SER C 63 -16.79 6.97 28.20
N LEU C 64 -16.41 7.08 26.90
CA LEU C 64 -16.26 8.38 26.23
C LEU C 64 -17.33 8.69 25.21
N LYS C 65 -18.30 7.76 25.00
CA LYS C 65 -19.32 7.84 23.96
C LYS C 65 -20.27 9.05 24.06
N ASP C 66 -20.39 9.69 25.23
CA ASP C 66 -21.27 10.86 25.34
C ASP C 66 -20.48 12.19 25.40
N LYS C 67 -19.15 12.08 25.36
CA LYS C 67 -18.24 13.23 25.41
C LYS C 67 -17.71 13.62 24.02
N PHE C 68 -17.72 12.68 23.07
CA PHE C 68 -17.17 12.92 21.75
C PHE C 68 -18.08 12.50 20.62
N ILE C 69 -18.03 13.26 19.51
CA ILE C 69 -18.75 12.92 18.29
C ILE C 69 -17.76 12.90 17.14
N ILE C 70 -17.59 11.73 16.54
CA ILE C 70 -16.73 11.58 15.35
C ILE C 70 -17.59 11.72 14.09
N SER C 71 -17.04 12.38 13.08
CA SER C 71 -17.69 12.55 11.79
C SER C 71 -16.59 12.71 10.75
N ARG C 72 -16.97 12.69 9.47
CA ARG C 72 -16.04 12.89 8.37
C ARG C 72 -16.74 13.48 7.16
N ASP C 73 -15.95 14.07 6.27
CA ASP C 73 -16.47 14.63 5.02
C ASP C 73 -15.47 14.20 3.96
N ASN C 74 -15.80 13.09 3.30
CA ASN C 74 -14.94 12.47 2.29
C ASN C 74 -14.62 13.42 1.13
N ALA C 75 -15.61 14.23 0.70
CA ALA C 75 -15.37 15.18 -0.38
C ALA C 75 -14.33 16.24 -0.01
N LYS C 76 -14.20 16.58 1.31
CA LYS C 76 -13.26 17.56 1.82
C LYS C 76 -12.00 16.89 2.43
N ASN C 77 -11.90 15.53 2.31
CA ASN C 77 -10.76 14.76 2.82
C ASN C 77 -10.49 15.10 4.30
N THR C 78 -11.57 15.22 5.08
CA THR C 78 -11.40 15.68 6.47
C THR C 78 -12.12 14.83 7.47
N LEU C 79 -11.43 14.56 8.57
CA LEU C 79 -11.96 13.82 9.72
C LEU C 79 -12.19 14.87 10.85
N TYR C 80 -13.28 14.73 11.60
CA TYR C 80 -13.63 15.65 12.70
C TYR C 80 -13.83 14.92 14.04
N LEU C 81 -13.56 15.64 15.12
CA LEU C 81 -13.80 15.20 16.48
C LEU C 81 -14.43 16.36 17.23
N GLN C 82 -15.74 16.22 17.54
CA GLN C 82 -16.42 17.21 18.37
C GLN C 82 -16.24 16.77 19.83
N MET C 83 -15.69 17.64 20.67
CA MET C 83 -15.47 17.40 22.10
C MET C 83 -16.52 18.25 22.82
N ILE C 84 -17.30 17.66 23.72
CA ILE C 84 -18.31 18.49 24.38
C ILE C 84 -18.15 18.43 25.89
N LYS C 85 -18.40 19.56 26.54
CA LYS C 85 -18.34 19.72 28.01
C LYS C 85 -17.05 19.11 28.59
N VAL C 86 -15.92 19.63 28.08
CA VAL C 86 -14.57 19.18 28.42
C VAL C 86 -14.21 19.47 29.88
N ARG C 87 -13.37 18.62 30.45
CA ARG C 87 -12.87 18.75 31.83
C ARG C 87 -11.36 18.63 31.78
N SER C 88 -10.67 18.92 32.91
CA SER C 88 -9.20 18.88 33.02
C SER C 88 -8.58 17.59 32.50
N GLU C 89 -9.23 16.44 32.72
CA GLU C 89 -8.76 15.12 32.27
C GLU C 89 -8.77 14.99 30.72
N ASP C 90 -9.43 15.94 30.01
CA ASP C 90 -9.45 15.95 28.54
C ASP C 90 -8.27 16.71 27.98
N THR C 91 -7.44 17.36 28.82
CA THR C 91 -6.21 18.01 28.33
C THR C 91 -5.36 16.88 27.76
N ALA C 92 -4.95 16.97 26.47
CA ALA C 92 -4.19 15.87 25.84
C ALA C 92 -3.80 16.21 24.44
N LEU C 93 -2.87 15.44 23.88
CA LEU C 93 -2.59 15.50 22.44
C LEU C 93 -3.62 14.58 21.77
N TYR C 94 -4.29 15.06 20.74
CA TYR C 94 -5.31 14.29 19.99
C TYR C 94 -4.74 13.98 18.61
N TYR C 95 -4.73 12.70 18.26
CA TYR C 95 -4.15 12.20 17.03
C TYR C 95 -5.22 11.56 16.13
N CYS C 96 -5.16 11.87 14.83
CA CYS C 96 -5.98 11.08 13.90
C CYS C 96 -5.03 10.00 13.34
N VAL C 97 -5.56 8.78 13.17
CA VAL C 97 -4.72 7.63 12.83
C VAL C 97 -5.42 6.82 11.74
N ARG C 98 -4.71 6.56 10.66
CA ARG C 98 -5.23 5.77 9.55
C ARG C 98 -4.65 4.37 9.60
N PRO C 99 -5.51 3.35 9.45
CA PRO C 99 -4.99 1.99 9.28
C PRO C 99 -4.28 1.87 7.93
N TYR C 100 -3.41 0.85 7.79
CA TYR C 100 -2.88 0.54 6.47
C TYR C 100 -4.04 -0.29 5.80
N ASP C 101 -4.03 -0.49 4.47
CA ASP C 101 -5.06 -1.24 3.69
C ASP C 101 -5.38 -2.58 4.34
N TYR C 102 -4.33 -3.27 4.82
CA TYR C 102 -4.45 -4.54 5.49
C TYR C 102 -3.39 -4.62 6.58
N GLY C 103 -3.80 -5.17 7.72
CA GLY C 103 -2.92 -5.43 8.86
C GLY C 103 -3.03 -4.35 9.90
N ALA C 104 -1.94 -3.57 10.08
CA ALA C 104 -1.87 -2.49 11.07
C ALA C 104 -3.06 -1.53 11.03
N TRP C 105 -3.84 -1.48 12.13
CA TRP C 105 -5.00 -0.57 12.23
C TRP C 105 -4.55 0.86 12.66
N PHE C 106 -3.38 0.97 13.31
CA PHE C 106 -2.89 2.27 13.81
C PHE C 106 -1.59 2.57 13.08
N ALA C 107 -1.61 2.51 11.73
CA ALA C 107 -0.40 2.63 10.92
C ALA C 107 0.17 4.05 10.80
N SER C 108 -0.63 4.96 10.24
CA SER C 108 -0.24 6.33 9.95
C SER C 108 -0.84 7.31 10.94
N TRP C 109 0.04 8.07 11.63
CA TRP C 109 -0.38 9.00 12.67
C TRP C 109 -0.08 10.44 12.28
N GLY C 110 -1.01 11.34 12.59
CA GLY C 110 -0.72 12.77 12.51
C GLY C 110 0.19 13.14 13.67
N GLN C 111 0.75 14.37 13.66
CA GLN C 111 1.64 14.86 14.72
C GLN C 111 0.87 15.19 15.99
N GLY C 112 -0.44 15.32 15.87
CA GLY C 112 -1.31 15.60 17.00
C GLY C 112 -1.56 17.08 17.20
N THR C 113 -2.70 17.39 17.82
CA THR C 113 -3.08 18.75 18.22
C THR C 113 -3.35 18.76 19.73
N LEU C 114 -2.73 19.72 20.43
CA LEU C 114 -2.85 19.79 21.88
C LEU C 114 -4.08 20.58 22.31
N VAL C 115 -4.92 19.96 23.14
CA VAL C 115 -6.09 20.62 23.70
C VAL C 115 -5.74 20.86 25.18
N THR C 116 -5.77 22.12 25.61
CA THR C 116 -5.50 22.49 27.00
C THR C 116 -6.80 22.94 27.63
N VAL C 117 -7.30 22.18 28.61
CA VAL C 117 -8.53 22.53 29.31
C VAL C 117 -8.17 23.31 30.56
N SER C 118 -8.42 24.64 30.55
CA SER C 118 -8.00 25.51 31.65
C SER C 118 -8.82 26.79 31.71
N ALA C 119 -9.01 27.32 32.93
CA ALA C 119 -9.71 28.59 33.14
C ALA C 119 -8.71 29.80 33.03
N ALA C 120 -7.42 29.51 32.77
CA ALA C 120 -6.40 30.55 32.63
C ALA C 120 -6.57 31.30 31.30
N SER C 121 -5.99 32.49 31.21
CA SER C 121 -6.04 33.30 30.00
C SER C 121 -4.93 32.87 29.04
N THR C 122 -5.19 33.06 27.77
CA THR C 122 -4.23 32.96 26.68
C THR C 122 -3.13 34.05 26.93
N LYS C 123 -1.86 33.75 26.62
CA LYS C 123 -0.78 34.74 26.71
C LYS C 123 0.25 34.46 25.62
N GLY C 124 0.39 35.38 24.68
CA GLY C 124 1.38 35.21 23.61
C GLY C 124 2.81 35.39 24.12
N PRO C 125 3.81 34.86 23.39
CA PRO C 125 5.20 34.94 23.87
C PRO C 125 5.91 36.28 23.64
N SER C 126 6.95 36.55 24.43
CA SER C 126 7.88 37.66 24.24
C SER C 126 9.13 36.99 23.69
N VAL C 127 9.55 37.38 22.49
CA VAL C 127 10.68 36.71 21.81
C VAL C 127 11.92 37.59 21.83
N PHE C 128 13.05 37.01 22.27
CA PHE C 128 14.30 37.76 22.37
C PHE C 128 15.38 37.05 21.60
N PRO C 129 16.23 37.79 20.88
CA PRO C 129 17.31 37.13 20.15
C PRO C 129 18.44 36.69 21.09
N LEU C 130 19.06 35.54 20.78
CA LEU C 130 20.23 35.02 21.50
C LEU C 130 21.36 35.13 20.43
N ALA C 131 22.01 36.31 20.42
CA ALA C 131 22.96 36.67 19.39
C ALA C 131 24.22 35.81 19.36
N PRO C 132 24.70 35.43 18.16
CA PRO C 132 25.99 34.72 18.09
C PRO C 132 27.12 35.72 18.35
N SER C 133 28.24 35.23 18.87
CA SER C 133 29.45 36.02 19.15
C SER C 133 30.61 35.05 19.25
N SER C 134 31.80 35.58 19.63
CA SER C 134 32.99 34.75 19.83
C SER C 134 32.71 33.83 21.03
N LYS C 135 31.84 34.29 21.93
CA LYS C 135 31.47 33.56 23.14
C LYS C 135 30.51 32.39 22.86
N SER C 136 29.81 32.40 21.71
CA SER C 136 28.93 31.26 21.40
C SER C 136 29.55 30.39 20.27
N THR C 137 30.83 30.65 19.96
CA THR C 137 31.59 29.94 18.92
C THR C 137 32.45 28.88 19.53
N SER C 138 32.48 27.70 18.91
CA SER C 138 33.39 26.65 19.33
C SER C 138 33.95 25.98 18.08
N GLY C 139 35.19 26.26 17.77
CA GLY C 139 35.86 25.66 16.62
C GLY C 139 35.14 26.04 15.32
N GLY C 140 34.75 25.04 14.54
CA GLY C 140 34.12 25.34 13.25
C GLY C 140 32.68 25.84 13.24
N THR C 141 32.02 25.94 14.41
CA THR C 141 30.61 26.31 14.46
C THR C 141 30.28 27.34 15.52
N ALA C 142 29.19 28.09 15.30
CA ALA C 142 28.76 29.10 16.26
C ALA C 142 27.29 28.86 16.50
N ALA C 143 26.84 29.09 17.73
CA ALA C 143 25.41 28.95 18.09
C ALA C 143 24.73 30.32 18.18
N LEU C 144 23.48 30.35 17.77
CA LEU C 144 22.64 31.55 17.94
C LEU C 144 21.25 31.02 18.25
N GLY C 145 20.35 31.88 18.71
CA GLY C 145 19.02 31.33 19.00
C GLY C 145 17.97 32.38 19.25
N CYS C 146 16.83 31.95 19.76
CA CYS C 146 15.74 32.80 20.22
C CYS C 146 15.22 32.25 21.48
N LEU C 147 14.98 33.15 22.41
CA LEU C 147 14.38 32.87 23.70
C LEU C 147 12.90 33.23 23.57
N VAL C 148 12.02 32.25 23.87
CA VAL C 148 10.57 32.44 23.72
C VAL C 148 9.97 32.43 25.11
N LYS C 149 9.73 33.61 25.67
CA LYS C 149 9.32 33.72 27.07
C LYS C 149 7.88 33.91 27.35
N ASP C 150 7.44 33.33 28.50
CA ASP C 150 6.20 33.65 29.22
C ASP C 150 4.93 33.55 28.39
N TYR C 151 4.72 32.36 27.83
CA TYR C 151 3.50 32.14 27.06
C TYR C 151 2.62 31.08 27.73
N PHE C 152 1.35 31.03 27.30
CA PHE C 152 0.40 30.04 27.76
C PHE C 152 -0.76 29.95 26.78
N PRO C 153 -1.29 28.72 26.49
CA PRO C 153 -0.77 27.41 26.89
C PRO C 153 0.30 26.96 25.91
N GLU C 154 0.76 25.72 26.06
CA GLU C 154 1.62 25.12 25.04
C GLU C 154 0.72 24.85 23.80
N PRO C 155 1.27 24.70 22.58
CA PRO C 155 2.70 24.65 22.23
C PRO C 155 3.15 25.87 21.44
N VAL C 156 4.47 25.96 21.29
CA VAL C 156 5.10 26.94 20.43
C VAL C 156 5.96 26.12 19.49
N THR C 157 6.00 26.51 18.21
CA THR C 157 6.92 25.89 17.25
C THR C 157 7.86 26.98 16.78
N VAL C 158 9.08 26.58 16.41
CA VAL C 158 10.04 27.56 15.95
C VAL C 158 10.67 27.03 14.66
N SER C 159 10.68 27.85 13.63
CA SER C 159 11.42 27.52 12.41
C SER C 159 12.47 28.65 12.22
N TRP C 160 13.40 28.45 11.28
CA TRP C 160 14.46 29.43 11.00
C TRP C 160 14.48 29.79 9.52
N ASN C 161 14.53 31.10 9.21
CA ASN C 161 14.49 31.62 7.83
C ASN C 161 13.35 31.02 7.02
N SER C 162 12.13 30.95 7.63
CA SER C 162 10.91 30.41 7.03
C SER C 162 11.01 28.96 6.62
N GLY C 163 11.83 28.19 7.33
CA GLY C 163 12.03 26.77 7.03
C GLY C 163 13.17 26.47 6.07
N ALA C 164 13.82 27.52 5.51
CA ALA C 164 14.98 27.36 4.59
C ALA C 164 16.21 26.87 5.37
N LEU C 165 16.29 27.24 6.67
CA LEU C 165 17.40 26.83 7.53
C LEU C 165 16.94 25.71 8.48
N THR C 166 17.35 24.47 8.18
CA THR C 166 16.94 23.28 8.94
C THR C 166 18.09 22.52 9.56
N SER C 167 19.26 22.52 8.90
CA SER C 167 20.41 21.80 9.45
C SER C 167 20.90 22.56 10.67
N GLY C 168 21.17 21.81 11.75
CA GLY C 168 21.66 22.33 13.02
C GLY C 168 20.64 23.03 13.91
N VAL C 169 19.32 22.80 13.68
CA VAL C 169 18.28 23.43 14.48
C VAL C 169 17.90 22.50 15.64
N HIS C 170 17.77 23.07 16.82
CA HIS C 170 17.30 22.36 18.01
C HIS C 170 16.40 23.23 18.84
N THR C 171 15.10 22.89 18.85
CA THR C 171 14.16 23.59 19.70
C THR C 171 13.98 22.75 20.94
N PHE C 172 14.27 23.33 22.07
CA PHE C 172 14.24 22.61 23.34
C PHE C 172 12.84 22.54 23.91
N PRO C 173 12.53 21.43 24.64
CA PRO C 173 11.26 21.35 25.39
C PRO C 173 11.16 22.51 26.37
N ALA C 174 9.96 23.06 26.51
CA ALA C 174 9.68 24.19 27.40
C ALA C 174 9.83 23.89 28.86
N VAL C 175 10.20 24.93 29.60
CA VAL C 175 10.19 24.92 31.04
C VAL C 175 8.82 25.43 31.49
N LEU C 176 8.22 24.74 32.47
CA LEU C 176 6.98 25.20 33.11
C LEU C 176 7.41 25.97 34.36
N GLN C 177 7.17 27.28 34.35
CA GLN C 177 7.51 28.19 35.46
C GLN C 177 6.57 28.03 36.66
N SER C 178 7.03 28.48 37.86
CA SER C 178 6.20 28.52 39.08
C SER C 178 5.00 29.49 38.86
N SER C 179 5.15 30.44 37.91
CA SER C 179 4.09 31.38 37.52
C SER C 179 2.94 30.68 36.74
N GLY C 180 3.18 29.48 36.19
CA GLY C 180 2.21 28.76 35.36
C GLY C 180 2.40 29.02 33.86
N LEU C 181 3.29 29.99 33.54
CA LEU C 181 3.67 30.27 32.15
C LEU C 181 4.81 29.36 31.70
N TYR C 182 5.03 29.26 30.38
CA TYR C 182 6.10 28.47 29.79
C TYR C 182 7.11 29.37 29.13
N SER C 183 8.34 28.87 28.99
CA SER C 183 9.39 29.50 28.21
C SER C 183 10.14 28.41 27.50
N LEU C 184 10.64 28.66 26.30
CA LEU C 184 11.52 27.70 25.62
C LEU C 184 12.58 28.48 24.85
N SER C 185 13.58 27.75 24.34
CA SER C 185 14.63 28.30 23.49
C SER C 185 14.80 27.44 22.28
N SER C 186 15.16 28.08 21.17
CA SER C 186 15.50 27.35 19.95
C SER C 186 16.87 27.83 19.57
N VAL C 187 17.76 26.87 19.26
CA VAL C 187 19.15 27.21 18.90
CA VAL C 187 19.14 27.21 18.88
C VAL C 187 19.46 26.65 17.50
N VAL C 188 20.28 27.37 16.72
CA VAL C 188 20.73 26.92 15.41
C VAL C 188 22.26 27.03 15.43
N THR C 189 22.95 26.01 14.90
CA THR C 189 24.41 25.99 14.80
C THR C 189 24.74 26.28 13.32
N VAL C 190 25.59 27.28 13.08
CA VAL C 190 26.02 27.69 11.74
C VAL C 190 27.56 27.66 11.64
N PRO C 191 28.11 27.68 10.41
CA PRO C 191 29.58 27.72 10.30
C PRO C 191 30.14 29.01 10.90
N SER C 192 31.21 28.92 11.70
CA SER C 192 31.76 30.11 12.35
C SER C 192 32.23 31.18 11.32
N SER C 193 32.76 30.75 10.16
CA SER C 193 33.26 31.69 9.15
C SER C 193 32.14 32.40 8.39
N SER C 194 30.90 31.93 8.55
CA SER C 194 29.70 32.52 7.98
C SER C 194 29.21 33.72 8.82
N LEU C 195 29.70 33.88 10.06
CA LEU C 195 29.26 34.99 10.91
C LEU C 195 29.61 36.35 10.27
N GLY C 196 28.61 37.21 10.11
CA GLY C 196 28.83 38.52 9.49
C GLY C 196 28.44 38.60 8.02
N THR C 197 28.00 37.48 7.43
CA THR C 197 27.59 37.46 6.01
C THR C 197 26.07 37.64 5.86
N GLN C 198 25.32 37.41 6.95
CA GLN C 198 23.86 37.45 6.92
C GLN C 198 23.26 37.67 8.30
N THR C 199 21.96 37.93 8.32
CA THR C 199 21.20 38.01 9.56
C THR C 199 20.23 36.84 9.46
N TYR C 200 19.64 36.48 10.59
CA TYR C 200 18.75 35.31 10.69
CA TYR C 200 18.75 35.33 10.66
C TYR C 200 17.41 35.72 11.24
N ILE C 201 16.41 34.90 11.03
CA ILE C 201 15.09 35.12 11.54
C ILE C 201 14.63 33.82 12.17
N CYS C 202 14.16 33.87 13.43
CA CYS C 202 13.46 32.73 14.00
C CYS C 202 11.96 33.06 13.88
N ASN C 203 11.19 32.12 13.32
CA ASN C 203 9.76 32.24 13.12
C ASN C 203 9.10 31.48 14.26
N VAL C 204 8.58 32.20 15.21
CA VAL C 204 7.97 31.64 16.40
C VAL C 204 6.46 31.61 16.23
N ASN C 205 5.85 30.42 16.26
CA ASN C 205 4.41 30.34 16.12
C ASN C 205 3.74 29.93 17.41
N HIS C 206 2.81 30.75 17.91
CA HIS C 206 2.03 30.37 19.09
C HIS C 206 0.56 30.37 18.63
N LYS C 207 0.15 29.25 17.98
CA LYS C 207 -1.21 29.12 17.44
C LYS C 207 -2.28 29.34 18.51
N PRO C 208 -2.12 28.85 19.77
CA PRO C 208 -3.16 29.11 20.78
C PRO C 208 -3.51 30.59 20.99
N SER C 209 -2.61 31.53 20.73
CA SER C 209 -2.92 32.98 20.85
C SER C 209 -3.03 33.69 19.48
N ASN C 210 -3.06 32.93 18.38
CA ASN C 210 -3.08 33.45 16.99
C ASN C 210 -1.93 34.44 16.76
N THR C 211 -0.75 34.15 17.35
CA THR C 211 0.38 35.06 17.27
C THR C 211 1.57 34.36 16.65
N LYS C 212 2.21 35.02 15.70
CA LYS C 212 3.47 34.55 15.12
C LYS C 212 4.45 35.72 15.20
N VAL C 213 5.68 35.46 15.64
CA VAL C 213 6.71 36.50 15.73
C VAL C 213 7.91 36.05 14.88
N ASP C 214 8.37 36.91 13.96
CA ASP C 214 9.57 36.61 13.15
C ASP C 214 10.64 37.51 13.69
N LYS C 215 11.52 36.95 14.51
CA LYS C 215 12.50 37.77 15.19
C LYS C 215 13.87 37.76 14.52
N LYS C 216 14.38 38.95 14.25
CA LYS C 216 15.69 39.14 13.67
C LYS C 216 16.79 38.82 14.72
N VAL C 217 17.80 38.04 14.31
CA VAL C 217 18.92 37.65 15.16
C VAL C 217 20.16 38.05 14.37
N GLU C 218 20.98 38.89 14.96
CA GLU C 218 22.17 39.33 14.26
C GLU C 218 23.42 39.18 15.10
N PRO C 219 24.60 39.02 14.45
CA PRO C 219 25.86 38.93 15.22
C PRO C 219 26.04 40.13 16.15
N LYS C 220 26.54 39.84 17.34
CA LYS C 220 26.84 40.78 18.43
C LYS C 220 27.93 41.80 18.02
N SER C 221 27.78 43.07 18.46
CA SER C 221 28.71 44.17 18.21
C SER C 221 29.53 44.47 19.46
N GLN D 1 -15.02 -1.57 31.70
CA GLN D 1 -14.76 -2.45 30.56
C GLN D 1 -13.46 -3.29 30.72
N ALA D 2 -12.96 -3.84 29.60
CA ALA D 2 -11.75 -4.67 29.56
C ALA D 2 -10.48 -3.86 29.77
N VAL D 3 -9.50 -4.46 30.44
CA VAL D 3 -8.22 -3.85 30.74
C VAL D 3 -7.12 -4.66 30.03
N VAL D 4 -6.19 -3.95 29.41
CA VAL D 4 -5.10 -4.53 28.67
C VAL D 4 -3.81 -4.24 29.41
N THR D 5 -3.05 -5.29 29.74
CA THR D 5 -1.83 -5.13 30.52
C THR D 5 -0.60 -5.58 29.77
N GLN D 6 0.44 -4.76 29.86
CA GLN D 6 1.79 -4.91 29.32
C GLN D 6 2.81 -4.73 30.44
N GLU D 7 4.08 -5.13 30.20
CA GLU D 7 5.18 -4.93 31.15
C GLU D 7 5.49 -3.43 31.16
N SER D 8 5.83 -2.82 32.31
CA SER D 8 6.13 -1.37 32.36
C SER D 8 7.40 -1.02 31.60
N ALA D 9 8.43 -1.87 31.73
CA ALA D 9 9.72 -1.67 31.11
C ALA D 9 10.46 -3.02 30.96
N LEU D 10 11.33 -3.07 29.95
CA LEU D 10 12.17 -4.22 29.64
C LEU D 10 13.46 -3.72 29.07
N THR D 11 14.53 -4.49 29.31
CA THR D 11 15.87 -4.19 28.84
C THR D 11 16.37 -5.33 27.96
N THR D 12 17.11 -4.96 26.91
CA THR D 12 17.74 -5.91 26.01
C THR D 12 19.11 -5.35 25.61
N SER D 13 19.86 -6.09 24.79
CA SER D 13 21.17 -5.64 24.33
C SER D 13 21.27 -5.84 22.82
N PRO D 14 22.13 -5.09 22.06
CA PRO D 14 22.17 -5.29 20.60
C PRO D 14 22.43 -6.73 20.16
N GLY D 15 21.56 -7.24 19.28
CA GLY D 15 21.67 -8.61 18.79
C GLY D 15 20.84 -9.62 19.55
N GLU D 16 20.32 -9.26 20.74
CA GLU D 16 19.50 -10.20 21.54
C GLU D 16 18.05 -10.27 21.03
N THR D 17 17.26 -11.22 21.57
CA THR D 17 15.85 -11.40 21.26
C THR D 17 15.09 -11.00 22.52
N VAL D 18 14.10 -10.12 22.37
CA VAL D 18 13.27 -9.67 23.47
C VAL D 18 11.78 -9.85 23.11
N THR D 19 10.98 -10.35 24.08
CA THR D 19 9.55 -10.55 23.86
C THR D 19 8.73 -9.66 24.80
N LEU D 20 7.87 -8.83 24.19
CA LEU D 20 6.92 -7.95 24.86
C LEU D 20 5.57 -8.65 24.84
N THR D 21 4.83 -8.59 25.94
CA THR D 21 3.54 -9.28 25.98
C THR D 21 2.38 -8.32 26.25
N CYS D 22 1.18 -8.80 25.94
CA CYS D 22 -0.06 -8.06 25.96
C CYS D 22 -1.17 -9.01 26.43
N ARG D 23 -1.69 -8.75 27.64
CA ARG D 23 -2.70 -9.58 28.29
C ARG D 23 -4.08 -8.90 28.33
N SER D 24 -5.14 -9.68 28.18
CA SER D 24 -6.55 -9.30 28.22
C SER D 24 -7.16 -9.72 29.58
N SER D 25 -7.83 -8.77 30.29
CA SER D 25 -8.45 -9.05 31.60
C SER D 25 -9.69 -9.97 31.50
N THR D 26 -10.20 -10.19 30.29
CA THR D 26 -11.39 -11.00 30.02
C THR D 26 -11.09 -12.50 29.84
N GLY D 27 -9.79 -12.83 29.77
CA GLY D 27 -9.31 -14.19 29.57
C GLY D 27 -8.25 -14.25 28.47
N ALA D 28 -8.20 -15.37 27.72
CA ALA D 28 -7.22 -15.60 26.64
C ALA D 28 -7.36 -14.59 25.48
N VAL D 29 -6.22 -14.03 25.02
CA VAL D 29 -6.17 -13.15 23.83
C VAL D 29 -6.34 -14.10 22.63
N THR D 30 -7.34 -13.85 21.77
CA THR D 30 -7.65 -14.67 20.59
C THR D 30 -7.30 -13.91 19.30
N THR D 31 -7.31 -14.62 18.15
CA THR D 31 -7.11 -13.93 16.85
C THR D 31 -8.23 -12.90 16.61
N SER D 32 -9.39 -13.09 17.28
CA SER D 32 -10.53 -12.16 17.17
C SER D 32 -10.28 -10.82 17.90
N ASN D 33 -9.16 -10.72 18.64
CA ASN D 33 -8.73 -9.49 19.32
C ASN D 33 -7.85 -8.65 18.37
N TYR D 34 -7.46 -9.22 17.20
CA TYR D 34 -6.68 -8.54 16.15
C TYR D 34 -5.55 -7.69 16.78
N ALA D 35 -4.70 -8.31 17.63
CA ALA D 35 -3.64 -7.57 18.33
C ALA D 35 -2.85 -6.64 17.42
N ASN D 36 -2.70 -5.40 17.89
CA ASN D 36 -1.96 -4.31 17.25
C ASN D 36 -0.81 -3.87 18.14
N TRP D 37 0.29 -3.46 17.49
CA TRP D 37 1.49 -2.90 18.14
C TRP D 37 1.88 -1.61 17.49
N VAL D 38 2.17 -0.60 18.33
CA VAL D 38 2.52 0.78 17.95
C VAL D 38 3.83 1.18 18.66
N GLN D 39 4.74 1.82 17.93
CA GLN D 39 6.03 2.28 18.47
C GLN D 39 5.94 3.79 18.65
N GLU D 40 6.39 4.28 19.81
CA GLU D 40 6.43 5.72 20.05
C GLU D 40 7.89 6.16 20.21
N LYS D 41 8.35 7.11 19.36
CA LYS D 41 9.69 7.71 19.39
C LYS D 41 9.59 9.17 19.89
N PRO D 42 10.72 9.86 20.25
CA PRO D 42 10.61 11.24 20.78
C PRO D 42 9.91 12.25 19.89
N ASP D 43 9.40 13.32 20.51
CA ASP D 43 8.64 14.35 19.83
C ASP D 43 7.31 13.72 19.42
N HIS D 44 6.79 12.76 20.24
CA HIS D 44 5.48 12.08 20.06
C HIS D 44 5.29 11.57 18.62
N LEU D 45 6.29 10.84 18.13
CA LEU D 45 6.26 10.27 16.79
C LEU D 45 5.82 8.82 16.92
N PHE D 46 4.58 8.54 16.54
CA PHE D 46 4.04 7.18 16.62
C PHE D 46 3.99 6.55 15.23
N THR D 47 4.25 5.25 15.18
CA THR D 47 4.17 4.44 13.96
C THR D 47 3.60 3.05 14.31
N GLY D 48 2.58 2.62 13.57
CA GLY D 48 2.04 1.27 13.77
C GLY D 48 3.03 0.24 13.25
N LEU D 49 3.28 -0.82 14.02
CA LEU D 49 4.22 -1.87 13.65
C LEU D 49 3.50 -3.10 13.14
N ILE D 50 2.42 -3.51 13.85
CA ILE D 50 1.70 -4.77 13.58
C ILE D 50 0.22 -4.57 13.73
N GLY D 51 -0.56 -5.34 12.96
CA GLY D 51 -2.02 -5.43 13.10
C GLY D 51 -2.42 -6.86 12.82
N GLY D 52 -3.68 -7.22 13.10
CA GLY D 52 -4.20 -8.57 12.83
C GLY D 52 -3.26 -9.65 13.39
N THR D 53 -2.77 -9.45 14.64
CA THR D 53 -1.85 -10.34 15.38
C THR D 53 -0.41 -10.35 14.85
N ASN D 54 -0.21 -10.63 13.54
CA ASN D 54 1.15 -10.80 13.03
C ASN D 54 1.46 -10.10 11.71
N LYS D 55 0.62 -9.14 11.29
CA LYS D 55 0.88 -8.50 10.00
C LYS D 55 1.70 -7.22 10.19
N ARG D 56 2.90 -7.18 9.58
CA ARG D 56 3.76 -6.00 9.66
C ARG D 56 3.21 -4.86 8.79
N ALA D 57 3.33 -3.62 9.29
CA ALA D 57 2.96 -2.45 8.50
C ALA D 57 4.08 -2.25 7.43
N PRO D 58 3.81 -1.50 6.32
CA PRO D 58 4.89 -1.22 5.35
C PRO D 58 6.10 -0.51 5.97
N GLY D 59 7.29 -0.90 5.53
CA GLY D 59 8.56 -0.36 6.00
C GLY D 59 9.03 -0.86 7.35
N VAL D 60 8.25 -1.73 8.03
CA VAL D 60 8.64 -2.25 9.36
C VAL D 60 9.71 -3.34 9.17
N PRO D 61 10.89 -3.24 9.86
CA PRO D 61 11.94 -4.28 9.69
C PRO D 61 11.47 -5.67 10.09
N ALA D 62 11.97 -6.68 9.38
CA ALA D 62 11.68 -8.11 9.59
C ALA D 62 11.96 -8.60 11.02
N ARG D 63 12.85 -7.91 11.79
CA ARG D 63 13.18 -8.28 13.17
C ARG D 63 11.97 -8.17 14.10
N PHE D 64 10.93 -7.42 13.67
CA PHE D 64 9.71 -7.27 14.47
C PHE D 64 8.71 -8.33 13.99
N SER D 65 8.18 -9.14 14.92
CA SER D 65 7.13 -10.11 14.57
C SER D 65 6.10 -10.17 15.68
N GLY D 66 4.86 -10.49 15.31
CA GLY D 66 3.75 -10.62 16.25
C GLY D 66 3.24 -12.03 16.29
N SER D 67 2.72 -12.46 17.45
CA SER D 67 2.17 -13.81 17.60
C SER D 67 1.25 -13.87 18.81
N LEU D 68 0.60 -15.03 19.00
CA LEU D 68 -0.21 -15.36 20.17
C LEU D 68 0.49 -16.52 20.83
N ILE D 69 0.66 -16.43 22.14
CA ILE D 69 1.29 -17.45 22.98
C ILE D 69 0.31 -17.89 24.09
N GLY D 70 -0.46 -18.92 23.78
CA GLY D 70 -1.44 -19.47 24.70
C GLY D 70 -2.58 -18.51 24.96
N ASP D 71 -2.47 -17.70 26.04
CA ASP D 71 -3.50 -16.73 26.44
C ASP D 71 -3.11 -15.23 26.25
N LYS D 72 -1.86 -14.94 25.81
CA LYS D 72 -1.40 -13.56 25.61
C LYS D 72 -0.96 -13.29 24.15
N ALA D 73 -0.97 -11.98 23.74
CA ALA D 73 -0.44 -11.53 22.45
C ALA D 73 1.02 -11.14 22.74
N ALA D 74 1.90 -11.30 21.74
CA ALA D 74 3.31 -10.98 21.91
C ALA D 74 3.96 -10.30 20.72
N LEU D 75 4.89 -9.37 20.99
CA LEU D 75 5.72 -8.70 19.99
C LEU D 75 7.15 -9.17 20.30
N THR D 76 7.76 -9.89 19.35
CA THR D 76 9.14 -10.38 19.48
C THR D 76 10.05 -9.54 18.58
N ILE D 77 11.18 -9.05 19.12
CA ILE D 77 12.19 -8.32 18.36
C ILE D 77 13.40 -9.26 18.33
N THR D 78 13.75 -9.81 17.16
CA THR D 78 14.87 -10.78 17.03
C THR D 78 16.08 -10.10 16.44
N GLY D 79 17.10 -9.89 17.27
CA GLY D 79 18.32 -9.18 16.88
C GLY D 79 18.08 -7.70 17.08
N ALA D 80 17.76 -7.30 18.35
CA ALA D 80 17.45 -5.93 18.75
C ALA D 80 18.55 -4.95 18.38
N GLN D 81 18.17 -3.72 17.97
CA GLN D 81 19.10 -2.66 17.54
C GLN D 81 18.94 -1.45 18.46
N THR D 82 19.99 -0.60 18.60
CA THR D 82 19.93 0.59 19.47
C THR D 82 18.75 1.49 19.08
N GLU D 83 18.43 1.58 17.76
CA GLU D 83 17.30 2.37 17.24
C GLU D 83 15.91 1.85 17.68
N ASP D 84 15.84 0.68 18.36
CA ASP D 84 14.58 0.08 18.85
C ASP D 84 14.19 0.60 20.22
N GLU D 85 15.07 1.45 20.81
CA GLU D 85 14.76 2.13 22.06
C GLU D 85 13.50 2.97 21.81
N ALA D 86 12.41 2.69 22.57
CA ALA D 86 11.08 3.31 22.36
C ALA D 86 10.07 2.82 23.40
N ILE D 87 8.82 3.33 23.34
CA ILE D 87 7.71 2.83 24.16
C ILE D 87 6.79 2.08 23.16
N TYR D 88 6.45 0.83 23.48
CA TYR D 88 5.65 -0.08 22.65
C TYR D 88 4.28 -0.25 23.24
N PHE D 89 3.24 0.18 22.51
CA PHE D 89 1.86 -0.03 23.00
C PHE D 89 1.22 -1.16 22.20
N CYS D 90 0.40 -1.96 22.89
CA CYS D 90 -0.42 -2.96 22.22
C CYS D 90 -1.86 -2.48 22.32
N ALA D 91 -2.71 -2.91 21.39
CA ALA D 91 -4.12 -2.56 21.40
C ALA D 91 -4.89 -3.83 21.03
N LEU D 92 -6.01 -4.09 21.73
CA LEU D 92 -6.87 -5.24 21.46
C LEU D 92 -8.25 -4.81 21.10
N TRP D 93 -8.86 -5.55 20.18
CA TRP D 93 -10.22 -5.33 19.71
C TRP D 93 -11.21 -6.14 20.51
N TYR D 94 -12.21 -5.44 21.12
CA TYR D 94 -13.27 -6.06 21.94
C TYR D 94 -14.66 -5.84 21.36
N SER D 95 -14.97 -6.51 20.21
CA SER D 95 -16.23 -6.53 19.44
C SER D 95 -16.71 -5.20 18.85
N ASN D 96 -16.58 -4.07 19.60
CA ASN D 96 -17.03 -2.75 19.16
C ASN D 96 -16.13 -1.58 19.64
N HIS D 97 -14.95 -1.87 20.19
CA HIS D 97 -14.01 -0.85 20.63
C HIS D 97 -12.61 -1.42 20.77
N TRP D 98 -11.59 -0.59 20.55
CA TRP D 98 -10.19 -0.98 20.81
C TRP D 98 -9.81 -0.50 22.21
N VAL D 99 -8.88 -1.22 22.85
CA VAL D 99 -8.35 -0.88 24.17
C VAL D 99 -6.83 -0.99 24.10
N PHE D 100 -6.13 0.13 24.37
CA PHE D 100 -4.67 0.14 24.43
C PHE D 100 -4.17 -0.31 25.78
N GLY D 101 -3.07 -1.04 25.77
CA GLY D 101 -2.38 -1.43 27.00
C GLY D 101 -1.63 -0.20 27.50
N GLY D 102 -1.00 -0.32 28.67
CA GLY D 102 -0.26 0.79 29.26
C GLY D 102 1.09 1.14 28.65
N GLY D 103 1.59 0.29 27.75
CA GLY D 103 2.88 0.54 27.10
C GLY D 103 4.08 -0.04 27.83
N THR D 104 5.15 -0.34 27.05
CA THR D 104 6.41 -0.91 27.55
C THR D 104 7.56 -0.07 27.07
N LYS D 105 8.34 0.51 28.01
CA LYS D 105 9.52 1.28 27.61
C LYS D 105 10.64 0.26 27.40
N LEU D 106 11.31 0.34 26.23
CA LEU D 106 12.41 -0.56 25.94
C LEU D 106 13.74 0.14 25.96
N THR D 107 14.64 -0.35 26.84
CA THR D 107 15.99 0.14 26.96
C THR D 107 16.92 -0.81 26.26
N VAL D 108 17.80 -0.27 25.40
CA VAL D 108 18.82 -1.06 24.75
C VAL D 108 20.12 -0.74 25.49
N LEU D 109 20.74 -1.75 26.14
CA LEU D 109 21.97 -1.56 26.90
C LEU D 109 23.17 -1.41 25.96
N GLY D 110 24.34 -1.10 26.53
CA GLY D 110 25.62 -1.00 25.83
C GLY D 110 25.93 0.30 25.15
N GLN D 111 25.00 1.29 25.22
CA GLN D 111 25.20 2.59 24.61
C GLN D 111 26.24 3.40 25.36
N PRO D 112 27.20 4.03 24.64
CA PRO D 112 28.31 4.71 25.33
C PRO D 112 27.85 5.95 26.04
N LYS D 113 28.49 6.26 27.17
CA LYS D 113 28.19 7.48 27.89
C LYS D 113 28.56 8.67 26.99
N ALA D 114 27.75 9.74 27.02
CA ALA D 114 28.02 10.94 26.22
C ALA D 114 27.94 12.15 27.13
N ALA D 115 29.03 12.94 27.18
CA ALA D 115 29.10 14.13 28.01
C ALA D 115 28.18 15.23 27.46
N PRO D 116 27.57 16.08 28.29
CA PRO D 116 26.67 17.12 27.72
C PRO D 116 27.44 18.19 26.95
N SER D 117 26.80 18.70 25.92
CA SER D 117 27.25 19.87 25.15
C SER D 117 26.49 21.06 25.81
N VAL D 118 27.21 22.06 26.28
CA VAL D 118 26.59 23.17 27.00
C VAL D 118 26.82 24.50 26.30
N THR D 119 25.73 25.25 26.10
CA THR D 119 25.84 26.59 25.54
C THR D 119 25.11 27.53 26.50
N LEU D 120 25.78 28.59 26.92
CA LEU D 120 25.20 29.54 27.86
C LEU D 120 25.07 30.89 27.20
N PHE D 121 23.85 31.43 27.15
CA PHE D 121 23.63 32.75 26.57
C PHE D 121 23.32 33.77 27.66
N PRO D 122 23.89 34.98 27.53
CA PRO D 122 23.57 36.05 28.48
C PRO D 122 22.21 36.68 28.15
N PRO D 123 21.68 37.60 29.01
CA PRO D 123 20.47 38.35 28.62
C PRO D 123 20.74 39.15 27.34
N SER D 124 19.74 39.27 26.51
CA SER D 124 19.83 40.11 25.31
C SER D 124 19.70 41.58 25.72
N SER D 125 20.22 42.50 24.88
CA SER D 125 20.07 43.95 25.11
C SER D 125 18.57 44.29 25.18
N GLU D 126 17.78 43.67 24.27
CA GLU D 126 16.35 43.90 24.20
CA GLU D 126 16.32 43.90 24.19
C GLU D 126 15.63 43.53 25.50
N GLU D 127 15.99 42.35 26.09
CA GLU D 127 15.35 41.93 27.34
C GLU D 127 15.76 42.93 28.49
N LEU D 128 17.05 43.26 28.54
CA LEU D 128 17.57 44.19 29.57
C LEU D 128 16.83 45.52 29.49
N GLN D 129 16.57 46.00 28.26
CA GLN D 129 15.81 47.24 28.02
C GLN D 129 14.35 47.14 28.49
N ALA D 130 13.79 45.92 28.53
CA ALA D 130 12.45 45.64 29.03
C ALA D 130 12.46 45.35 30.55
N ASN D 131 13.62 45.63 31.21
CA ASN D 131 13.83 45.52 32.67
C ASN D 131 13.74 44.09 33.19
N LYS D 132 14.21 43.14 32.37
CA LYS D 132 14.25 41.74 32.78
C LYS D 132 15.61 41.18 32.36
N ALA D 133 16.00 40.03 32.92
CA ALA D 133 17.26 39.42 32.57
C ALA D 133 17.13 37.93 32.75
N THR D 134 17.43 37.19 31.69
CA THR D 134 17.39 35.75 31.76
C THR D 134 18.68 35.19 31.17
N LEU D 135 19.34 34.29 31.90
CA LEU D 135 20.53 33.57 31.43
C LEU D 135 19.96 32.21 30.99
N VAL D 136 20.39 31.73 29.82
CA VAL D 136 19.83 30.52 29.19
C VAL D 136 20.95 29.50 29.01
N CYS D 137 20.85 28.40 29.75
CA CYS D 137 21.83 27.32 29.72
C CYS D 137 21.22 26.09 29.01
N LEU D 138 21.70 25.83 27.78
CA LEU D 138 21.18 24.75 26.94
C LEU D 138 22.12 23.59 26.97
N ILE D 139 21.57 22.39 27.29
CA ILE D 139 22.33 21.17 27.60
C ILE D 139 21.84 20.04 26.70
N SER D 140 22.74 19.52 25.89
CA SER D 140 22.24 18.54 24.95
C SER D 140 23.20 17.41 24.71
N ASP D 141 22.70 16.38 24.03
CA ASP D 141 23.48 15.22 23.63
C ASP D 141 24.17 14.48 24.77
N PHE D 142 23.51 14.39 25.94
CA PHE D 142 24.10 13.65 27.05
C PHE D 142 23.45 12.27 27.22
N TYR D 143 24.22 11.32 27.73
CA TYR D 143 23.72 9.97 27.96
C TYR D 143 24.59 9.28 29.03
N PRO D 144 23.99 8.62 30.06
CA PRO D 144 22.55 8.47 30.32
C PRO D 144 21.86 9.79 30.66
N GLY D 145 20.54 9.74 30.70
CA GLY D 145 19.68 10.89 30.89
C GLY D 145 19.49 11.46 32.27
N ALA D 146 20.59 11.81 32.93
CA ALA D 146 20.49 12.44 34.24
C ALA D 146 21.64 13.44 34.39
N VAL D 147 21.31 14.70 34.70
CA VAL D 147 22.27 15.77 34.98
C VAL D 147 21.82 16.52 36.22
N THR D 148 22.75 17.26 36.84
CA THR D 148 22.42 18.21 37.88
C THR D 148 23.03 19.52 37.41
N VAL D 149 22.32 20.61 37.64
CA VAL D 149 22.74 21.95 37.24
C VAL D 149 22.87 22.83 38.45
N ALA D 150 23.99 23.57 38.52
CA ALA D 150 24.28 24.53 39.59
C ALA D 150 24.69 25.83 38.92
N TRP D 151 24.26 26.95 39.50
CA TRP D 151 24.60 28.26 38.98
C TRP D 151 25.45 29.00 39.99
N LYS D 152 26.33 29.88 39.52
CA LYS D 152 27.15 30.76 40.37
C LYS D 152 27.09 32.20 39.88
N ALA D 153 27.08 33.14 40.85
CA ALA D 153 27.19 34.59 40.64
C ALA D 153 28.62 34.82 41.14
N ASP D 154 29.54 35.13 40.21
CA ASP D 154 30.99 35.15 40.45
C ASP D 154 31.37 33.73 40.88
N SER D 155 31.74 33.52 42.16
CA SER D 155 32.07 32.19 42.68
C SER D 155 31.05 31.69 43.71
N SER D 156 30.00 32.47 43.97
CA SER D 156 28.99 32.12 44.98
C SER D 156 27.83 31.35 44.39
N PRO D 157 27.36 30.29 45.08
CA PRO D 157 26.19 29.56 44.59
C PRO D 157 24.94 30.43 44.53
N VAL D 158 24.07 30.19 43.52
CA VAL D 158 22.79 30.90 43.35
C VAL D 158 21.74 29.85 43.17
N LYS D 159 20.68 29.86 43.98
CA LYS D 159 19.55 28.92 43.77
C LYS D 159 18.28 29.71 43.41
N ALA D 160 18.14 30.95 43.95
CA ALA D 160 16.96 31.80 43.65
C ALA D 160 16.92 32.14 42.17
N GLY D 161 15.73 32.00 41.59
CA GLY D 161 15.45 32.33 40.20
C GLY D 161 15.85 31.29 39.18
N VAL D 162 16.22 30.05 39.62
CA VAL D 162 16.64 28.97 38.71
C VAL D 162 15.45 28.05 38.43
N GLU D 163 15.20 27.77 37.13
CA GLU D 163 14.22 26.78 36.71
C GLU D 163 14.87 25.89 35.67
N THR D 164 14.89 24.58 35.96
CA THR D 164 15.51 23.57 35.13
C THR D 164 14.51 22.51 34.70
N THR D 165 14.57 22.16 33.42
CA THR D 165 13.66 21.12 32.91
C THR D 165 14.15 19.74 33.32
N THR D 166 13.25 18.77 33.20
CA THR D 166 13.60 17.37 33.39
C THR D 166 14.32 16.98 32.08
N PRO D 167 15.23 15.99 32.05
CA PRO D 167 15.85 15.63 30.78
C PRO D 167 14.83 14.95 29.85
N SER D 168 14.93 15.20 28.56
CA SER D 168 14.01 14.59 27.60
C SER D 168 14.82 13.89 26.54
N LYS D 169 14.41 12.68 26.18
CA LYS D 169 15.11 11.87 25.18
C LYS D 169 14.95 12.48 23.78
N GLN D 170 16.08 12.55 23.05
CA GLN D 170 16.15 13.10 21.69
C GLN D 170 16.05 11.91 20.71
N SER D 171 15.87 12.19 19.39
CA SER D 171 15.78 11.10 18.39
C SER D 171 17.05 10.24 18.27
N ASN D 172 18.22 10.79 18.64
CA ASN D 172 19.47 10.03 18.58
C ASN D 172 19.73 9.18 19.85
N ASN D 173 18.72 9.08 20.77
CA ASN D 173 18.77 8.31 22.03
C ASN D 173 19.43 9.08 23.19
N LYS D 174 20.05 10.21 22.88
CA LYS D 174 20.71 11.05 23.90
C LYS D 174 19.65 11.98 24.50
N TYR D 175 20.01 12.77 25.52
CA TYR D 175 19.04 13.59 26.22
C TYR D 175 19.36 15.08 26.13
N ALA D 176 18.34 15.91 26.39
CA ALA D 176 18.49 17.38 26.41
C ALA D 176 17.80 17.94 27.60
N ALA D 177 18.29 19.09 28.10
CA ALA D 177 17.68 19.80 29.21
C ALA D 177 18.02 21.26 29.06
N SER D 178 17.27 22.11 29.77
CA SER D 178 17.45 23.56 29.78
C SER D 178 17.43 24.03 31.19
N SER D 179 18.22 25.06 31.50
CA SER D 179 18.14 25.72 32.79
C SER D 179 18.16 27.23 32.58
N TYR D 180 17.24 27.92 33.22
CA TYR D 180 17.05 29.35 33.11
C TYR D 180 17.30 30.00 34.44
N LEU D 181 18.12 31.05 34.44
CA LEU D 181 18.38 31.83 35.62
C LEU D 181 17.80 33.23 35.43
N SER D 182 16.74 33.54 36.19
CA SER D 182 16.09 34.84 36.17
C SER D 182 16.77 35.76 37.17
N LEU D 183 17.19 36.95 36.71
CA LEU D 183 17.83 37.98 37.54
C LEU D 183 17.23 39.32 37.28
N THR D 184 17.58 40.29 38.10
CA THR D 184 17.21 41.66 37.76
C THR D 184 18.35 42.17 36.84
N PRO D 185 18.11 43.18 35.98
CA PRO D 185 19.22 43.77 35.20
C PRO D 185 20.37 44.30 36.10
N GLU D 186 20.04 44.80 37.31
CA GLU D 186 21.03 45.32 38.29
C GLU D 186 21.96 44.18 38.79
N GLN D 187 21.42 42.99 39.07
CA GLN D 187 22.23 41.84 39.48
C GLN D 187 23.15 41.43 38.33
N TRP D 188 22.60 41.38 37.09
CA TRP D 188 23.41 41.03 35.93
C TRP D 188 24.61 42.02 35.75
N LYS D 189 24.33 43.30 35.81
CA LYS D 189 25.37 44.33 35.60
C LYS D 189 26.41 44.45 36.72
N SER D 190 26.05 44.08 37.95
CA SER D 190 26.90 44.28 39.13
C SER D 190 27.88 43.14 39.41
N HIS D 191 27.73 41.98 38.75
CA HIS D 191 28.67 40.88 38.96
C HIS D 191 29.69 40.82 37.87
N ARG D 192 30.86 40.25 38.15
CA ARG D 192 31.87 40.10 37.11
C ARG D 192 31.41 39.05 36.10
N SER D 193 30.72 38.02 36.60
CA SER D 193 30.24 36.94 35.73
C SER D 193 29.24 36.03 36.41
N TYR D 194 28.57 35.19 35.60
CA TYR D 194 27.70 34.12 36.09
C TYR D 194 28.12 32.84 35.39
N SER D 195 27.94 31.71 36.05
CA SER D 195 28.32 30.43 35.45
C SER D 195 27.20 29.40 35.58
N CYS D 196 27.06 28.56 34.56
CA CYS D 196 26.13 27.44 34.56
C CYS D 196 27.03 26.22 34.60
N GLN D 197 26.84 25.39 35.62
CA GLN D 197 27.71 24.21 35.85
C GLN D 197 26.85 22.95 35.73
N VAL D 198 27.16 22.13 34.78
CA VAL D 198 26.40 20.91 34.46
C VAL D 198 27.20 19.67 34.82
N THR D 199 26.71 18.91 35.81
CA THR D 199 27.36 17.69 36.31
C THR D 199 26.67 16.47 35.72
N HIS D 200 27.46 15.59 35.11
CA HIS D 200 26.97 14.36 34.47
C HIS D 200 27.95 13.23 34.71
N GLU D 201 27.49 12.13 35.33
CA GLU D 201 28.35 10.98 35.65
C GLU D 201 29.63 11.39 36.44
N GLY D 202 29.49 12.32 37.39
CA GLY D 202 30.58 12.79 38.25
C GLY D 202 31.57 13.79 37.66
N SER D 203 31.39 14.17 36.39
CA SER D 203 32.25 15.15 35.69
C SER D 203 31.43 16.39 35.38
N THR D 204 32.04 17.58 35.46
CA THR D 204 31.26 18.81 35.28
C THR D 204 31.78 19.65 34.12
N VAL D 205 30.85 20.27 33.39
CA VAL D 205 31.13 21.21 32.32
C VAL D 205 30.59 22.54 32.85
N GLU D 206 31.46 23.54 32.93
CA GLU D 206 31.09 24.88 33.39
C GLU D 206 31.27 25.91 32.26
N LYS D 207 30.22 26.71 32.00
CA LYS D 207 30.26 27.80 31.03
C LYS D 207 30.01 29.11 31.78
N THR D 208 30.72 30.17 31.40
CA THR D 208 30.60 31.47 32.07
C THR D 208 30.30 32.54 31.04
N VAL D 209 29.51 33.53 31.46
CA VAL D 209 29.16 34.70 30.65
C VAL D 209 29.34 35.96 31.54
N ALA D 210 29.67 37.08 30.90
CA ALA D 210 29.94 38.32 31.64
C ALA D 210 29.24 39.51 30.97
N PRO D 211 28.77 40.49 31.76
CA PRO D 211 28.09 41.66 31.14
C PRO D 211 28.97 42.46 30.20
N THR D 212 30.28 42.47 30.46
CA THR D 212 31.35 43.14 29.72
C THR D 212 31.63 42.40 28.43
C1 NAG E . -0.50 1.74 -9.99
C2 NAG E . -0.74 0.40 -9.27
C3 NAG E . 0.16 -0.65 -9.90
C4 NAG E . -0.10 -0.74 -11.40
C5 NAG E . 0.12 0.63 -12.05
C6 NAG E . -0.23 0.66 -13.54
C7 NAG E . -1.45 0.32 -6.91
C8 NAG E . -1.00 0.50 -5.48
N2 NAG E . -0.49 0.52 -7.84
O3 NAG E . -0.11 -1.91 -9.28
O4 NAG E . 0.73 -1.74 -12.01
O5 NAG E . -0.70 1.61 -11.40
O6 NAG E . -1.58 0.31 -13.78
O7 NAG E . -2.60 0.02 -7.19
C1 NAG E . 0.14 -2.99 -12.28
C2 NAG E . 0.79 -3.61 -13.52
C3 NAG E . 0.21 -5.00 -13.77
C4 NAG E . 0.26 -5.88 -12.50
C5 NAG E . -0.35 -5.14 -11.31
C6 NAG E . -0.18 -5.87 -10.00
C7 NAG E . 1.56 -2.19 -15.40
C8 NAG E . 1.12 -1.37 -16.57
N2 NAG E . 0.57 -2.75 -14.67
O3 NAG E . 0.96 -5.61 -14.81
O4 NAG E . -0.47 -7.09 -12.70
O5 NAG E . 0.29 -3.86 -11.15
O6 NAG E . -0.55 -5.09 -8.88
O7 NAG E . 2.74 -2.33 -15.12
C1 BMA E . 0.21 -8.23 -13.19
C2 BMA E . -0.35 -9.49 -12.53
C3 BMA E . 0.29 -10.73 -13.14
C4 BMA E . 0.17 -10.74 -14.67
C5 BMA E . 0.69 -9.42 -15.24
C6 BMA E . 0.47 -9.26 -16.73
O2 BMA E . -1.77 -9.53 -12.66
O3 BMA E . -0.28 -11.91 -12.58
O4 BMA E . 0.91 -11.82 -15.20
O5 BMA E . 0.03 -8.31 -14.61
O6 BMA E . 0.83 -7.94 -17.14
C1 MAN E . 0.80 -7.70 -18.52
C2 MAN E . 1.64 -6.44 -18.81
C3 MAN E . 0.96 -5.20 -18.23
C4 MAN E . -0.50 -5.09 -18.65
C5 MAN E . -1.25 -6.41 -18.42
C6 MAN E . -2.64 -6.42 -19.04
O2 MAN E . 1.83 -6.28 -20.21
O3 MAN E . 1.67 -4.03 -18.64
O4 MAN E . -1.13 -4.06 -17.88
O5 MAN E . -0.53 -7.51 -19.02
O6 MAN E . -3.25 -7.69 -18.90
C1 NAG E . 2.92 -6.96 -20.80
C2 NAG E . 2.56 -7.19 -22.28
C3 NAG E . 3.72 -7.87 -23.00
C4 NAG E . 5.00 -7.05 -22.84
C5 NAG E . 5.27 -6.73 -21.37
C6 NAG E . 6.39 -5.73 -21.20
C7 NAG E . 0.14 -7.41 -22.73
C8 NAG E . -1.02 -8.36 -22.83
N2 NAG E . 1.33 -7.96 -22.43
O3 NAG E . 3.40 -7.99 -24.38
O4 NAG E . 6.10 -7.76 -23.38
O5 NAG E . 4.11 -6.17 -20.74
O6 NAG E . 6.68 -5.50 -19.84
O7 NAG E . 0.00 -6.19 -22.90
C1 FUC E . -1.95 0.19 -15.13
C2 FUC E . -2.84 -1.04 -15.28
C3 FUC E . -4.11 -0.85 -14.43
C4 FUC E . -4.84 0.42 -14.87
C5 FUC E . -3.89 1.63 -14.81
C6 FUC E . -4.48 2.90 -15.38
O2 FUC E . -2.18 -2.25 -14.94
O3 FUC E . -4.97 -1.98 -14.54
O4 FUC E . -5.40 0.25 -16.16
O5 FUC E . -2.68 1.34 -15.56
C1 NAG F . -3.11 -20.09 -2.33
C2 NAG F . -2.72 -18.89 -3.21
C3 NAG F . -3.95 -18.24 -3.82
C4 NAG F . -4.85 -19.28 -4.48
C5 NAG F . -5.23 -20.35 -3.45
C6 NAG F . -6.15 -21.41 -4.02
C7 NAG F . -0.57 -17.85 -2.58
C8 NAG F . 0.10 -16.87 -1.65
N2 NAG F . -1.91 -17.92 -2.50
O3 NAG F . -3.48 -17.29 -4.78
O4 NAG F . -6.06 -18.72 -4.97
O5 NAG F . -4.04 -20.99 -2.96
O6 NAG F . -5.58 -22.05 -5.16
O7 NAG F . 0.07 -18.55 -3.35
C1 NAG F . -6.07 -18.30 -6.30
C2 NAG F . -7.48 -18.43 -6.86
C3 NAG F . -7.52 -17.87 -8.28
C4 NAG F . -6.92 -16.47 -8.34
C5 NAG F . -5.53 -16.44 -7.69
C6 NAG F . -4.93 -15.06 -7.59
C7 NAG F . -8.99 -20.26 -6.18
C8 NAG F . -9.27 -21.73 -6.27
N2 NAG F . -7.91 -19.82 -6.85
O3 NAG F . -8.88 -17.86 -8.74
O4 NAG F . -6.69 -16.07 -9.69
O5 NAG F . -5.63 -16.94 -6.36
O6 NAG F . -3.63 -15.14 -7.04
O7 NAG F . -9.75 -19.48 -5.59
C1 BMA F . -7.74 -15.46 -10.35
C2 BMA F . -7.17 -14.43 -11.34
C3 BMA F . -8.30 -13.84 -12.19
C4 BMA F . -9.14 -14.94 -12.84
C5 BMA F . -9.62 -15.93 -11.77
C6 BMA F . -10.33 -17.10 -12.37
O2 BMA F . -6.17 -15.03 -12.16
O3 BMA F . -7.81 -12.96 -13.20
O4 BMA F . -10.30 -14.37 -13.41
O5 BMA F . -8.50 -16.45 -11.05
O6 BMA F . -10.65 -18.03 -11.37
C1 MAN F . -11.50 -19.03 -11.81
C2 MAN F . -12.07 -19.71 -10.56
C3 MAN F . -10.98 -20.47 -9.82
C4 MAN F . -10.26 -21.44 -10.75
C5 MAN F . -9.75 -20.70 -11.99
C6 MAN F . -9.17 -21.63 -13.04
O2 MAN F . -13.08 -20.62 -10.95
O3 MAN F . -11.55 -21.19 -8.74
O4 MAN F . -9.17 -22.04 -10.07
O5 MAN F . -10.82 -19.99 -12.63
O6 MAN F . -8.62 -20.88 -14.12
C1 NAG F . -14.35 -20.10 -11.09
C2 NAG F . -15.13 -21.05 -12.00
C3 NAG F . -16.58 -20.60 -12.11
C4 NAG F . -17.19 -20.42 -10.72
C5 NAG F . -16.32 -19.50 -9.86
C6 NAG F . -16.81 -19.31 -8.44
C7 NAG F . -13.67 -22.15 -13.67
C8 NAG F . -13.03 -22.02 -15.03
N2 NAG F . -14.53 -21.17 -13.33
O3 NAG F . -17.31 -21.57 -12.83
O4 NAG F . -18.48 -19.84 -10.84
O5 NAG F . -14.98 -20.02 -9.79
O6 NAG F . -16.99 -20.56 -7.76
O7 NAG F . -13.40 -23.09 -12.93
C1 MAN F . -7.91 -11.55 -12.98
C2 MAN F . -7.64 -10.84 -14.30
C3 MAN F . -6.16 -10.96 -14.69
C4 MAN F . -5.22 -10.57 -13.56
C5 MAN F . -5.60 -11.30 -12.28
C6 MAN F . -4.81 -10.87 -11.06
O2 MAN F . -8.02 -9.47 -14.21
O3 MAN F . -5.90 -10.19 -15.86
O4 MAN F . -3.89 -10.94 -13.91
O5 MAN F . -7.00 -11.09 -11.98
O6 MAN F . -4.65 -11.92 -10.11
C1 FUC F . -5.63 -23.46 -5.11
C2 FUC F . -5.30 -24.00 -6.50
C3 FUC F . -3.83 -23.76 -6.84
C4 FUC F . -2.90 -24.30 -5.76
C5 FUC F . -3.31 -23.74 -4.40
C6 FUC F . -2.55 -24.26 -3.20
O2 FUC F . -6.16 -23.39 -7.45
O3 FUC F . -3.51 -24.33 -8.11
O4 FUC F . -2.94 -25.73 -5.76
O5 FUC F . -4.71 -24.01 -4.15
P PO4 G . -16.61 -9.21 -38.17
O1 PO4 G . -16.55 -8.34 -36.83
O2 PO4 G . -17.84 -10.23 -38.11
O3 PO4 G . -15.31 -10.06 -38.30
O4 PO4 G . -16.74 -8.21 -39.42
C1 GOL H . -35.28 -8.29 -5.73
O1 GOL H . -36.46 -7.95 -6.48
C2 GOL H . -34.30 -7.14 -5.69
O2 GOL H . -33.14 -7.51 -4.94
C3 GOL H . -33.90 -6.74 -7.10
O3 GOL H . -33.01 -5.66 -7.08
C1 GOL I . -19.77 2.54 21.78
O1 GOL I . -19.01 2.13 22.91
C2 GOL I . -19.71 1.50 20.70
O2 GOL I . -18.38 1.43 20.15
C3 GOL I . -20.70 1.83 19.60
O3 GOL I . -20.69 0.82 18.59
P PO4 J . 17.58 4.71 28.13
O1 PO4 J . 17.34 6.12 27.57
O2 PO4 J . 17.95 4.78 29.69
O3 PO4 J . 16.25 3.84 27.90
O4 PO4 J . 18.75 4.08 27.24
P PO4 K . 21.93 41.67 21.42
O1 PO4 K . 22.05 43.27 21.46
O2 PO4 K . 21.77 41.06 22.88
O3 PO4 K . 23.29 41.18 20.83
O4 PO4 K . 20.73 41.21 20.47
C1 GOL L . 23.29 22.88 22.93
O1 GOL L . 23.41 22.51 24.30
C2 GOL L . 24.57 23.54 22.47
O2 GOL L . 25.70 23.05 23.19
C3 GOL L . 24.83 23.45 20.98
O3 GOL L . 24.57 24.72 20.38
#